data_7TTM
#
_entry.id   7TTM
#
_cell.length_a   72.433
_cell.length_b   69.217
_cell.length_c   81.853
_cell.angle_alpha   90.000
_cell.angle_beta   103.630
_cell.angle_gamma   90.000
#
_symmetry.space_group_name_H-M   'P 1 21 1'
#
loop_
_entity.id
_entity.type
_entity.pdbx_description
1 polymer 'Spike protein S1'
2 polymer '1040 heavy chain'
3 polymer '1040 light chain'
4 non-polymer 2-acetamido-2-deoxy-beta-D-glucopyranose
5 water water
#
loop_
_entity_poly.entity_id
_entity_poly.type
_entity_poly.pdbx_seq_one_letter_code
_entity_poly.pdbx_strand_id
1 'polypeptide(L)'
;RVAPSKEVVRFPNITNLCPFGEVFNATTFPSVYAWERKRISNCVADYSVLYNSTSFSTFKCYGVSATKLNDLCFSNVYAD
SFVVKGDDVRQIAPGQTGVIADYNYKLPDDFLGCVLAWNTNSKDSSTSGNYNYLYRWVRRSKLNPYERDLSNDIYSPGGQ
SCSAVGPNCYNPLRPYGFFTTAGVGHQPYRVVVLSFELLNAPATVCGPKLSTDLIKNQCVNFHHHHHHHH
;
A
2 'polypeptide(L)'
;QLQLQESGPGLVKPSETLSLTCTVSGGSISSSNFYWGWIRQPPGKGLEWIASITYSGRTFYNPSLKSRVAISVDTSKNQF
SLKLSSVTAADTAVYYCARTFPSYYDRSGYHYLNYGMDVWGQGTTVTVSSASTKGPSVFPLAPSSKSTSGGTAALGCLVK
DYFPEPVTVSWNSGALTSGVHTFPAVLQSSGLYSLSSVVTVPSSSLGTQTYICNVNHKPSNTKVDKKVEP
;
H
3 'polypeptide(L)'
;NFMLTQPHSMSESPGKTVTISCTRSSGSIASNYVQWYQQRPGSSPTTVIYEDNQRPSGVPDRFSGSIDSSSNSASLTISG
LKTEDEADYYCQSYDSSSWVFGGGTKLTVLGQPKANPTVTLFPPSSEELQANKATLVCLISDFYPGAVTVAWKADGSPVK
AGVETTKPSKQSNNKYAASSYLSLTPEQWKSHRSYSCQVTHEGSTVEKTVAPTECS
;
L
#
loop_
_chem_comp.id
_chem_comp.type
_chem_comp.name
_chem_comp.formula
NAG D-saccharide, beta linking 2-acetamido-2-deoxy-beta-D-glucopyranose 'C8 H15 N O6'
#
# COMPACT_ATOMS: atom_id res chain seq x y z
N THR A 15 -29.92 -41.43 -11.99
CA THR A 15 -30.55 -41.26 -13.29
C THR A 15 -30.36 -39.82 -13.77
N ASN A 16 -30.57 -38.88 -12.84
CA ASN A 16 -30.60 -37.47 -13.19
C ASN A 16 -29.20 -36.88 -13.05
N LEU A 17 -28.22 -37.43 -13.75
CA LEU A 17 -26.85 -37.00 -13.54
C LEU A 17 -26.67 -35.58 -14.09
N CYS A 18 -26.22 -34.67 -13.23
CA CYS A 18 -26.14 -33.25 -13.61
C CYS A 18 -25.08 -33.08 -14.69
N PRO A 19 -25.33 -32.23 -15.69
CA PRO A 19 -24.45 -32.17 -16.88
C PRO A 19 -23.23 -31.27 -16.68
N PHE A 20 -22.37 -31.64 -15.73
CA PHE A 20 -21.10 -30.93 -15.58
C PHE A 20 -20.12 -31.30 -16.68
N GLY A 21 -20.29 -32.49 -17.29
CA GLY A 21 -19.38 -32.89 -18.35
C GLY A 21 -19.52 -32.05 -19.60
N GLU A 22 -20.72 -31.52 -19.85
CA GLU A 22 -20.88 -30.67 -21.02
C GLU A 22 -20.44 -29.24 -20.76
N VAL A 23 -20.29 -28.85 -19.48
CA VAL A 23 -19.67 -27.58 -19.15
C VAL A 23 -18.16 -27.68 -19.27
N PHE A 24 -17.57 -28.69 -18.63
CA PHE A 24 -16.13 -28.78 -18.51
C PHE A 24 -15.46 -29.30 -19.79
N ASN A 25 -16.08 -30.26 -20.46
CA ASN A 25 -15.48 -30.90 -21.63
C ASN A 25 -16.02 -30.35 -22.94
N ALA A 26 -16.69 -29.19 -22.91
CA ALA A 26 -17.18 -28.54 -24.11
C ALA A 26 -16.04 -28.14 -25.05
N THR A 27 -16.36 -28.13 -26.34
CA THR A 27 -15.36 -27.97 -27.38
C THR A 27 -14.77 -26.56 -27.40
N THR A 28 -15.61 -25.53 -27.36
CA THR A 28 -15.16 -24.15 -27.45
C THR A 28 -15.64 -23.41 -26.21
N PHE A 29 -14.80 -22.50 -25.72
CA PHE A 29 -15.11 -21.59 -24.63
C PHE A 29 -15.19 -20.18 -25.19
N PRO A 30 -15.91 -19.27 -24.53
CA PRO A 30 -16.03 -17.92 -25.06
C PRO A 30 -14.98 -16.98 -24.50
N SER A 31 -14.87 -15.80 -25.12
CA SER A 31 -14.04 -14.71 -24.59
C SER A 31 -14.56 -14.26 -23.22
N VAL A 32 -13.68 -13.64 -22.44
CA VAL A 32 -14.07 -13.28 -21.07
C VAL A 32 -15.06 -12.11 -21.04
N TYR A 33 -14.98 -11.17 -22.00
CA TYR A 33 -15.96 -10.09 -22.06
C TYR A 33 -17.33 -10.65 -22.40
N ALA A 34 -17.38 -11.76 -23.14
CA ALA A 34 -18.63 -12.38 -23.56
C ALA A 34 -18.77 -13.75 -22.91
N TRP A 35 -18.66 -13.77 -21.58
CA TRP A 35 -18.70 -15.04 -20.85
C TRP A 35 -20.11 -15.62 -20.85
N GLU A 36 -20.18 -16.93 -20.68
CA GLU A 36 -21.40 -17.68 -20.93
C GLU A 36 -21.86 -18.42 -19.67
N ARG A 37 -23.17 -18.44 -19.45
CA ARG A 37 -23.78 -18.99 -18.23
C ARG A 37 -24.62 -20.22 -18.55
N LYS A 38 -24.47 -21.28 -17.75
CA LYS A 38 -25.39 -22.41 -17.81
C LYS A 38 -26.05 -22.61 -16.45
N ARG A 39 -27.34 -22.31 -16.36
CA ARG A 39 -28.10 -22.65 -15.15
C ARG A 39 -28.33 -24.15 -15.08
N ILE A 40 -28.04 -24.73 -13.92
CA ILE A 40 -28.11 -26.17 -13.70
C ILE A 40 -29.05 -26.37 -12.52
N SER A 41 -30.20 -26.99 -12.77
CA SER A 41 -31.11 -27.35 -11.70
C SER A 41 -31.74 -28.71 -11.98
N ASN A 42 -32.40 -29.21 -10.93
CA ASN A 42 -33.42 -30.25 -11.02
C ASN A 42 -32.82 -31.58 -11.50
N CYS A 43 -31.60 -31.85 -11.04
CA CYS A 43 -30.88 -33.07 -11.32
C CYS A 43 -30.21 -33.53 -10.02
N VAL A 44 -29.47 -34.62 -10.08
CA VAL A 44 -28.63 -35.04 -8.97
C VAL A 44 -27.18 -34.85 -9.38
N ALA A 45 -26.37 -34.34 -8.46
CA ALA A 45 -25.02 -33.90 -8.77
C ALA A 45 -24.02 -34.84 -8.14
N ASP A 46 -22.87 -35.02 -8.81
CA ASP A 46 -21.73 -35.74 -8.24
C ASP A 46 -20.51 -34.85 -8.43
N TYR A 47 -20.20 -34.07 -7.40
CA TYR A 47 -19.06 -33.18 -7.43
C TYR A 47 -17.75 -33.93 -7.27
N SER A 48 -17.80 -35.23 -6.95
CA SER A 48 -16.58 -36.02 -6.86
C SER A 48 -15.91 -36.19 -8.22
N VAL A 49 -16.63 -35.99 -9.32
CA VAL A 49 -16.00 -35.92 -10.64
C VAL A 49 -15.00 -34.77 -10.70
N LEU A 50 -15.29 -33.67 -10.00
CA LEU A 50 -14.42 -32.51 -10.00
C LEU A 50 -13.20 -32.72 -9.09
N TYR A 51 -13.43 -33.04 -7.82
CA TYR A 51 -12.34 -33.02 -6.84
C TYR A 51 -11.53 -34.31 -6.78
N ASN A 52 -11.90 -35.35 -7.51
CA ASN A 52 -11.00 -36.49 -7.70
C ASN A 52 -9.84 -36.12 -8.63
N SER A 53 -10.11 -35.28 -9.63
CA SER A 53 -9.16 -35.03 -10.70
C SER A 53 -7.98 -34.19 -10.22
N THR A 54 -6.82 -34.43 -10.83
CA THR A 54 -5.59 -33.71 -10.53
C THR A 54 -5.15 -32.81 -11.67
N SER A 55 -6.02 -32.60 -12.65
CA SER A 55 -5.61 -31.84 -13.83
C SER A 55 -5.92 -30.36 -13.73
N PHE A 56 -6.63 -29.92 -12.68
CA PHE A 56 -6.87 -28.50 -12.47
C PHE A 56 -5.61 -27.82 -11.97
N SER A 57 -5.36 -26.62 -12.48
CA SER A 57 -4.31 -25.78 -11.91
C SER A 57 -4.86 -24.86 -10.83
N THR A 58 -6.11 -24.40 -10.97
CA THR A 58 -6.75 -23.60 -9.94
C THR A 58 -8.00 -24.35 -9.47
N PHE A 59 -8.17 -24.42 -8.15
CA PHE A 59 -9.29 -25.15 -7.57
C PHE A 59 -9.52 -24.44 -6.24
N LYS A 60 -10.33 -23.38 -6.23
CA LYS A 60 -10.55 -22.69 -4.97
C LYS A 60 -12.04 -22.55 -4.73
N CYS A 61 -12.50 -22.91 -3.54
CA CYS A 61 -13.89 -22.81 -3.18
C CYS A 61 -14.03 -21.89 -1.97
N TYR A 62 -14.95 -20.95 -2.05
CA TYR A 62 -15.13 -19.91 -1.04
C TYR A 62 -16.46 -20.14 -0.32
N GLY A 63 -16.41 -20.12 1.02
CA GLY A 63 -17.62 -20.34 1.79
C GLY A 63 -18.15 -21.78 1.85
N VAL A 64 -17.49 -22.74 1.22
CA VAL A 64 -17.92 -24.13 1.17
C VAL A 64 -16.72 -24.98 0.78
N SER A 65 -16.55 -26.12 1.45
CA SER A 65 -15.51 -27.04 1.00
C SER A 65 -15.98 -27.84 -0.20
N ALA A 66 -15.05 -28.16 -1.09
CA ALA A 66 -15.37 -29.04 -2.21
C ALA A 66 -15.73 -30.44 -1.72
N THR A 67 -14.96 -30.78 -0.67
CA THR A 67 -14.91 -32.09 0.02
C THR A 67 -16.30 -32.46 0.58
N LYS A 68 -17.14 -31.52 1.00
CA LYS A 68 -18.44 -31.72 1.60
C LYS A 68 -19.58 -31.45 0.64
N LEU A 69 -19.31 -31.17 -0.65
CA LEU A 69 -20.35 -30.75 -1.59
C LEU A 69 -21.34 -31.88 -1.90
N ASN A 70 -20.90 -33.14 -1.82
CA ASN A 70 -21.82 -34.23 -2.10
C ASN A 70 -22.89 -34.42 -1.03
N ASP A 71 -22.78 -33.74 0.10
CA ASP A 71 -23.80 -33.81 1.15
C ASP A 71 -24.75 -32.63 1.13
N LEU A 72 -24.65 -31.70 0.17
CA LEU A 72 -25.50 -30.53 0.30
C LEU A 72 -26.56 -30.54 -0.80
N CYS A 73 -27.62 -29.76 -0.59
CA CYS A 73 -28.68 -29.63 -1.57
C CYS A 73 -28.96 -28.14 -1.84
N PHE A 74 -29.08 -27.79 -3.13
CA PHE A 74 -29.12 -26.40 -3.57
C PHE A 74 -30.31 -26.14 -4.49
N SER A 75 -30.76 -24.88 -4.50
CA SER A 75 -31.83 -24.44 -5.40
C SER A 75 -31.35 -24.37 -6.84
N ASN A 76 -30.41 -23.47 -7.12
CA ASN A 76 -29.83 -23.30 -8.44
C ASN A 76 -28.32 -23.34 -8.32
N VAL A 77 -27.68 -24.05 -9.24
CA VAL A 77 -26.25 -24.01 -9.41
C VAL A 77 -25.97 -23.38 -10.78
N TYR A 78 -25.23 -22.28 -10.81
CA TYR A 78 -24.86 -21.67 -12.07
C TYR A 78 -23.42 -22.01 -12.41
N ALA A 79 -23.14 -22.19 -13.69
CA ALA A 79 -21.79 -22.39 -14.19
C ALA A 79 -21.46 -21.29 -15.19
N ASP A 80 -20.37 -20.56 -14.94
CA ASP A 80 -19.92 -19.46 -15.81
C ASP A 80 -18.55 -19.78 -16.41
N SER A 81 -18.40 -19.60 -17.72
CA SER A 81 -17.16 -20.04 -18.34
C SER A 81 -16.62 -19.04 -19.37
N PHE A 82 -15.30 -19.06 -19.53
CA PHE A 82 -14.53 -18.07 -20.28
C PHE A 82 -13.06 -18.48 -20.27
N VAL A 83 -12.28 -17.79 -21.11
CA VAL A 83 -10.83 -17.96 -21.23
C VAL A 83 -10.15 -16.68 -20.74
N VAL A 84 -9.07 -16.84 -19.96
CA VAL A 84 -8.18 -15.74 -19.60
C VAL A 84 -6.75 -16.24 -19.74
N LYS A 85 -5.81 -15.29 -19.82
CA LYS A 85 -4.41 -15.67 -19.77
C LYS A 85 -4.05 -16.05 -18.32
N GLY A 86 -2.91 -16.75 -18.18
CA GLY A 86 -2.61 -17.43 -16.92
C GLY A 86 -2.47 -16.48 -15.75
N ASP A 87 -1.80 -15.34 -15.97
CA ASP A 87 -1.65 -14.33 -14.93
C ASP A 87 -2.96 -13.64 -14.56
N ASP A 88 -4.05 -13.88 -15.28
CA ASP A 88 -5.32 -13.22 -14.96
C ASP A 88 -6.26 -14.10 -14.14
N VAL A 89 -5.88 -15.36 -13.89
CA VAL A 89 -6.76 -16.28 -13.14
C VAL A 89 -6.94 -15.81 -11.69
N ARG A 90 -5.97 -15.07 -11.18
CA ARG A 90 -6.05 -14.58 -9.80
C ARG A 90 -7.15 -13.53 -9.61
N GLN A 91 -7.54 -12.83 -10.67
CA GLN A 91 -8.61 -11.82 -10.55
C GLN A 91 -10.01 -12.42 -10.42
N ILE A 92 -10.18 -13.72 -10.68
CA ILE A 92 -11.48 -14.38 -10.48
C ILE A 92 -11.60 -14.87 -9.04
N ALA A 93 -11.65 -13.93 -8.10
CA ALA A 93 -11.70 -14.23 -6.67
C ALA A 93 -12.43 -13.07 -6.02
N PRO A 94 -13.12 -13.30 -4.89
CA PRO A 94 -13.77 -12.18 -4.20
C PRO A 94 -12.76 -11.13 -3.72
N GLY A 95 -13.06 -9.86 -3.98
CA GLY A 95 -12.24 -8.77 -3.52
C GLY A 95 -11.22 -8.26 -4.53
N GLN A 96 -10.84 -9.08 -5.50
CA GLN A 96 -9.77 -8.70 -6.41
C GLN A 96 -10.19 -7.60 -7.38
N THR A 97 -9.21 -6.82 -7.84
CA THR A 97 -9.38 -5.85 -8.90
C THR A 97 -8.34 -6.09 -10.00
N GLY A 98 -8.36 -5.23 -11.01
CA GLY A 98 -7.67 -5.44 -12.26
C GLY A 98 -8.65 -5.48 -13.42
N VAL A 99 -8.06 -5.52 -14.63
CA VAL A 99 -8.82 -5.33 -15.88
C VAL A 99 -9.89 -6.40 -16.09
N ILE A 100 -9.67 -7.61 -15.58
CA ILE A 100 -10.64 -8.67 -15.81
C ILE A 100 -11.78 -8.55 -14.80
N ALA A 101 -11.42 -8.31 -13.53
CA ALA A 101 -12.45 -8.12 -12.51
C ALA A 101 -13.23 -6.83 -12.73
N ASP A 102 -12.55 -5.77 -13.17
CA ASP A 102 -13.22 -4.47 -13.30
C ASP A 102 -14.12 -4.40 -14.53
N TYR A 103 -13.72 -5.04 -15.62
CA TYR A 103 -14.32 -4.76 -16.91
C TYR A 103 -14.91 -5.97 -17.65
N ASN A 104 -14.73 -7.19 -17.14
CA ASN A 104 -15.16 -8.36 -17.90
C ASN A 104 -16.02 -9.30 -17.07
N TYR A 105 -15.54 -9.69 -15.89
CA TYR A 105 -16.25 -10.64 -15.05
C TYR A 105 -15.94 -10.37 -13.58
N LYS A 106 -16.97 -10.24 -12.74
CA LYS A 106 -16.79 -9.80 -11.36
C LYS A 106 -17.51 -10.74 -10.40
N LEU A 107 -16.76 -11.39 -9.52
CA LEU A 107 -17.37 -12.13 -8.43
C LEU A 107 -17.76 -11.18 -7.29
N PRO A 108 -18.88 -11.42 -6.61
CA PRO A 108 -19.27 -10.56 -5.50
C PRO A 108 -18.39 -10.80 -4.28
N ASP A 109 -18.50 -9.88 -3.32
CA ASP A 109 -17.77 -10.00 -2.04
C ASP A 109 -18.23 -11.25 -1.25
N ASP A 110 -19.52 -11.53 -1.23
CA ASP A 110 -20.05 -12.65 -0.44
C ASP A 110 -20.22 -13.92 -1.26
N PHE A 111 -19.30 -14.15 -2.20
CA PHE A 111 -19.35 -15.26 -3.14
C PHE A 111 -19.30 -16.62 -2.43
N LEU A 112 -20.28 -17.48 -2.78
CA LEU A 112 -20.33 -18.91 -2.44
C LEU A 112 -20.18 -19.74 -3.70
N GLY A 113 -19.05 -20.42 -3.83
CA GLY A 113 -18.87 -21.34 -4.91
C GLY A 113 -17.40 -21.63 -5.15
N CYS A 114 -17.14 -22.20 -6.33
CA CYS A 114 -15.78 -22.61 -6.67
C CYS A 114 -15.31 -21.90 -7.94
N VAL A 115 -13.98 -21.85 -8.09
CA VAL A 115 -13.29 -21.28 -9.23
C VAL A 115 -12.27 -22.32 -9.69
N LEU A 116 -12.38 -22.71 -10.95
CA LEU A 116 -11.81 -23.93 -11.50
C LEU A 116 -11.11 -23.55 -12.79
N ALA A 117 -9.81 -23.82 -12.89
CA ALA A 117 -9.08 -23.40 -14.09
C ALA A 117 -8.06 -24.44 -14.49
N TRP A 118 -7.87 -24.60 -15.79
CA TRP A 118 -6.89 -25.53 -16.30
C TRP A 118 -6.23 -24.95 -17.53
N ASN A 119 -4.97 -25.35 -17.74
CA ASN A 119 -4.17 -24.85 -18.84
C ASN A 119 -4.63 -25.51 -20.14
N THR A 120 -4.76 -24.71 -21.18
CA THR A 120 -5.28 -25.16 -22.47
C THR A 120 -4.40 -24.66 -23.61
N ASN A 121 -3.09 -24.59 -23.37
CA ASN A 121 -2.11 -24.17 -24.37
C ASN A 121 -2.10 -25.10 -25.58
N SER A 122 -2.42 -26.39 -25.38
CA SER A 122 -2.48 -27.36 -26.47
C SER A 122 -3.69 -27.11 -27.37
N LYS A 123 -4.82 -26.73 -26.79
CA LYS A 123 -6.03 -26.42 -27.55
C LYS A 123 -5.99 -24.98 -28.09
N ASP A 124 -5.71 -24.00 -27.24
CA ASP A 124 -6.08 -22.60 -27.51
C ASP A 124 -4.91 -21.70 -27.92
N SER A 125 -3.69 -22.21 -28.02
CA SER A 125 -2.57 -21.44 -28.56
C SER A 125 -2.25 -21.88 -29.99
N SER A 126 -1.23 -21.23 -30.55
CA SER A 126 -0.81 -21.45 -31.93
C SER A 126 0.62 -20.99 -32.10
N THR A 127 1.26 -21.52 -33.13
CA THR A 127 2.58 -21.03 -33.55
C THR A 127 2.50 -19.57 -33.99
N SER A 128 1.52 -19.25 -34.83
CA SER A 128 1.35 -17.90 -35.35
C SER A 128 0.72 -16.94 -34.35
N GLY A 129 -0.06 -17.46 -33.40
CA GLY A 129 -0.81 -16.62 -32.49
C GLY A 129 -2.31 -16.79 -32.61
N ASN A 130 -2.94 -17.16 -31.50
CA ASN A 130 -4.40 -17.18 -31.42
C ASN A 130 -4.85 -15.81 -30.93
N TYR A 131 -5.66 -15.12 -31.74
CA TYR A 131 -6.19 -13.82 -31.35
C TYR A 131 -7.70 -13.84 -31.15
N ASN A 132 -8.28 -15.04 -31.00
CA ASN A 132 -9.73 -15.18 -30.96
C ASN A 132 -10.36 -14.75 -29.63
N TYR A 133 -9.57 -14.65 -28.56
CA TYR A 133 -10.08 -14.40 -27.22
C TYR A 133 -9.86 -12.93 -26.87
N LEU A 134 -10.96 -12.22 -26.61
CA LEU A 134 -10.95 -10.78 -26.36
C LEU A 134 -11.23 -10.49 -24.89
N TYR A 135 -10.88 -9.28 -24.48
CA TYR A 135 -11.19 -8.74 -23.17
C TYR A 135 -11.41 -7.24 -23.32
N ARG A 136 -12.31 -6.71 -22.50
CA ARG A 136 -12.56 -5.28 -22.43
C ARG A 136 -11.56 -4.65 -21.46
N TRP A 137 -11.04 -3.49 -21.82
CA TRP A 137 -10.05 -2.83 -20.96
C TRP A 137 -10.46 -1.45 -20.46
N VAL A 138 -11.57 -0.88 -20.94
CA VAL A 138 -12.05 0.40 -20.43
C VAL A 138 -13.58 0.39 -20.43
N ARG A 139 -14.18 1.10 -19.47
CA ARG A 139 -15.62 1.20 -19.34
C ARG A 139 -15.91 2.45 -18.50
N ARG A 140 -17.19 2.87 -18.50
CA ARG A 140 -17.59 4.02 -17.70
C ARG A 140 -17.53 3.73 -16.21
N SER A 141 -18.02 2.57 -15.80
CA SER A 141 -17.93 2.13 -14.42
C SER A 141 -17.46 0.68 -14.39
N LYS A 142 -17.03 0.26 -13.21
CA LYS A 142 -16.75 -1.14 -12.95
C LYS A 142 -18.05 -1.94 -13.06
N LEU A 143 -17.92 -3.18 -13.51
CA LEU A 143 -19.10 -4.03 -13.58
C LEU A 143 -19.53 -4.35 -12.17
N ASN A 144 -20.84 -4.44 -11.97
CA ASN A 144 -21.41 -5.02 -10.78
C ASN A 144 -21.19 -6.53 -10.80
N PRO A 145 -21.35 -7.20 -9.66
CA PRO A 145 -21.26 -8.67 -9.64
C PRO A 145 -22.19 -9.37 -10.63
N TYR A 146 -21.58 -10.24 -11.45
CA TYR A 146 -22.24 -11.04 -12.48
C TYR A 146 -22.88 -10.20 -13.60
N GLU A 147 -22.45 -8.95 -13.76
CA GLU A 147 -22.88 -8.13 -14.89
C GLU A 147 -22.07 -8.49 -16.13
N ARG A 148 -22.57 -8.08 -17.30
CA ARG A 148 -21.92 -8.44 -18.56
C ARG A 148 -22.07 -7.31 -19.57
N ASP A 149 -20.99 -7.00 -20.29
CA ASP A 149 -20.99 -5.95 -21.30
C ASP A 149 -20.57 -6.54 -22.65
N LEU A 150 -21.55 -6.70 -23.53
CA LEU A 150 -21.36 -7.24 -24.87
C LEU A 150 -21.19 -6.17 -25.94
N SER A 151 -21.16 -4.89 -25.57
CA SER A 151 -21.29 -3.82 -26.55
C SER A 151 -20.05 -3.71 -27.44
N ASN A 152 -20.26 -3.18 -28.67
CA ASN A 152 -19.21 -2.84 -29.64
C ASN A 152 -19.24 -1.34 -29.96
N ASP A 153 -19.11 -0.49 -28.95
CA ASP A 153 -19.16 0.96 -29.12
C ASP A 153 -17.76 1.53 -29.09
N ILE A 154 -17.64 2.79 -29.49
CA ILE A 154 -16.41 3.55 -29.29
C ILE A 154 -16.55 4.27 -27.96
N TYR A 155 -15.56 4.12 -27.08
CA TYR A 155 -15.64 4.71 -25.75
C TYR A 155 -15.01 6.11 -25.75
N SER A 156 -15.83 7.14 -25.42
CA SER A 156 -15.35 8.52 -25.24
C SER A 156 -15.23 8.86 -23.76
N PRO A 157 -14.07 9.33 -23.30
CA PRO A 157 -13.92 9.62 -21.86
C PRO A 157 -14.79 10.77 -21.38
N GLY A 158 -15.11 11.73 -22.24
CA GLY A 158 -15.94 12.84 -21.82
C GLY A 158 -17.45 12.61 -21.93
N GLY A 159 -17.86 11.94 -23.01
CA GLY A 159 -19.27 11.76 -23.29
C GLY A 159 -19.63 12.25 -24.67
N GLN A 160 -18.63 12.44 -25.52
CA GLN A 160 -18.84 12.89 -26.88
C GLN A 160 -19.23 11.72 -27.79
N SER A 161 -19.80 12.05 -28.93
CA SER A 161 -20.05 11.04 -29.94
C SER A 161 -18.75 10.76 -30.69
N CYS A 162 -18.48 9.48 -30.95
CA CYS A 162 -17.29 9.08 -31.71
C CYS A 162 -17.74 8.23 -32.89
N SER A 163 -17.35 8.64 -34.09
CA SER A 163 -17.65 7.88 -35.29
C SER A 163 -16.48 7.01 -35.78
N ALA A 164 -15.26 7.29 -35.34
CA ALA A 164 -14.10 6.49 -35.68
C ALA A 164 -13.19 6.37 -34.47
N VAL A 165 -12.45 5.27 -34.39
CA VAL A 165 -11.46 5.09 -33.33
C VAL A 165 -10.35 6.09 -33.57
N GLY A 166 -10.21 7.03 -32.66
CA GLY A 166 -9.20 8.05 -32.76
C GLY A 166 -8.61 8.37 -31.42
N PRO A 167 -8.01 9.55 -31.30
CA PRO A 167 -7.72 10.07 -29.96
C PRO A 167 -9.01 10.50 -29.30
N ASN A 168 -9.11 10.19 -28.01
CA ASN A 168 -10.29 10.45 -27.17
C ASN A 168 -11.53 9.70 -27.69
N CYS A 169 -11.29 8.61 -28.44
CA CYS A 169 -12.27 7.75 -29.13
C CYS A 169 -11.63 6.36 -29.27
N TYR A 170 -11.93 5.51 -28.30
CA TYR A 170 -11.18 4.33 -27.90
C TYR A 170 -11.90 3.06 -28.38
N ASN A 171 -11.16 2.16 -29.01
CA ASN A 171 -11.70 0.79 -29.15
C ASN A 171 -11.54 0.12 -27.77
N PRO A 172 -12.63 -0.30 -27.12
CA PRO A 172 -12.51 -0.82 -25.76
C PRO A 172 -12.11 -2.27 -25.66
N LEU A 173 -11.91 -2.97 -26.80
CA LEU A 173 -11.62 -4.38 -26.82
C LEU A 173 -10.21 -4.61 -27.32
N ARG A 174 -9.53 -5.60 -26.75
CA ARG A 174 -8.20 -6.00 -27.19
C ARG A 174 -8.12 -7.52 -27.16
N PRO A 175 -7.41 -8.13 -28.10
CA PRO A 175 -7.21 -9.58 -28.05
C PRO A 175 -6.00 -10.00 -27.22
N TYR A 176 -6.19 -11.07 -26.45
CA TYR A 176 -5.07 -11.88 -26.04
C TYR A 176 -4.37 -12.44 -27.30
N GLY A 177 -3.05 -12.50 -27.26
CA GLY A 177 -2.31 -13.22 -28.27
C GLY A 177 -1.66 -14.44 -27.66
N PHE A 178 -2.19 -15.63 -27.96
CA PHE A 178 -1.72 -16.87 -27.34
C PHE A 178 -0.74 -17.59 -28.27
N PHE A 179 0.53 -17.62 -27.87
CA PHE A 179 1.59 -18.31 -28.59
C PHE A 179 1.99 -19.55 -27.81
N THR A 180 2.28 -20.64 -28.54
CA THR A 180 2.57 -21.93 -27.90
C THR A 180 3.85 -21.88 -27.08
N THR A 181 4.83 -21.09 -27.52
CA THR A 181 6.12 -20.95 -26.85
C THR A 181 6.11 -19.90 -25.75
N ALA A 182 4.94 -19.41 -25.33
CA ALA A 182 4.93 -18.30 -24.40
C ALA A 182 5.15 -18.80 -22.97
N GLY A 183 5.47 -17.87 -22.08
CA GLY A 183 5.52 -18.18 -20.68
C GLY A 183 4.15 -18.53 -20.13
N VAL A 184 4.15 -19.30 -19.04
CA VAL A 184 2.92 -19.94 -18.57
C VAL A 184 1.90 -18.92 -18.08
N GLY A 185 2.34 -17.72 -17.66
CA GLY A 185 1.41 -16.64 -17.32
C GLY A 185 0.78 -15.95 -18.52
N HIS A 186 1.34 -16.16 -19.71
CA HIS A 186 0.79 -15.65 -20.96
C HIS A 186 0.18 -16.78 -21.79
N GLN A 187 -0.17 -17.88 -21.16
CA GLN A 187 -0.77 -19.04 -21.82
C GLN A 187 -2.27 -19.07 -21.55
N PRO A 188 -3.08 -19.70 -22.42
CA PRO A 188 -4.54 -19.63 -22.21
C PRO A 188 -5.02 -20.64 -21.18
N TYR A 189 -6.01 -20.22 -20.39
CA TYR A 189 -6.62 -21.02 -19.33
C TYR A 189 -8.13 -20.92 -19.45
N ARG A 190 -8.80 -22.08 -19.51
CA ARG A 190 -10.25 -22.12 -19.43
C ARG A 190 -10.67 -22.08 -17.97
N VAL A 191 -11.69 -21.29 -17.67
CA VAL A 191 -12.16 -21.10 -16.30
C VAL A 191 -13.63 -21.48 -16.27
N VAL A 192 -14.03 -22.23 -15.25
CA VAL A 192 -15.43 -22.46 -14.92
C VAL A 192 -15.68 -21.98 -13.49
N VAL A 193 -16.66 -21.08 -13.32
CA VAL A 193 -17.04 -20.58 -12.01
C VAL A 193 -18.40 -21.17 -11.63
N LEU A 194 -18.41 -21.98 -10.57
CA LEU A 194 -19.63 -22.62 -10.07
C LEU A 194 -20.22 -21.76 -8.96
N SER A 195 -21.42 -21.24 -9.14
CA SER A 195 -22.12 -20.45 -8.13
C SER A 195 -23.31 -21.22 -7.58
N PHE A 196 -23.42 -21.27 -6.25
CA PHE A 196 -24.41 -22.10 -5.55
C PHE A 196 -25.45 -21.21 -4.88
N GLU A 197 -26.73 -21.42 -5.17
CA GLU A 197 -27.78 -20.82 -4.35
C GLU A 197 -28.60 -21.90 -3.65
N LEU A 198 -29.26 -21.49 -2.58
CA LEU A 198 -30.28 -22.33 -1.91
C LEU A 198 -31.26 -21.34 -1.30
N LEU A 199 -32.22 -20.87 -2.10
CA LEU A 199 -33.18 -19.83 -1.65
C LEU A 199 -34.27 -20.41 -0.76
N ASN A 200 -35.32 -19.63 -0.49
CA ASN A 200 -36.49 -20.18 0.22
C ASN A 200 -37.09 -21.21 -0.72
N ALA A 201 -36.41 -21.45 -1.83
CA ALA A 201 -36.86 -22.38 -2.85
C ALA A 201 -36.58 -23.82 -2.41
N PRO A 202 -37.39 -24.78 -2.88
CA PRO A 202 -37.06 -26.18 -2.62
C PRO A 202 -35.79 -26.60 -3.34
N ALA A 203 -35.14 -27.62 -2.78
CA ALA A 203 -33.86 -28.06 -3.29
C ALA A 203 -34.06 -28.88 -4.55
N THR A 204 -33.50 -28.40 -5.66
CA THR A 204 -33.58 -29.08 -6.95
C THR A 204 -32.32 -29.88 -7.27
N VAL A 205 -31.13 -29.37 -6.92
CA VAL A 205 -29.86 -30.06 -7.13
C VAL A 205 -29.43 -30.68 -5.81
N CYS A 206 -29.02 -31.95 -5.84
CA CYS A 206 -28.50 -32.61 -4.65
C CYS A 206 -27.31 -33.46 -5.02
N GLY A 207 -26.49 -33.74 -4.00
CA GLY A 207 -25.49 -34.77 -4.14
C GLY A 207 -26.09 -36.14 -4.05
N PRO A 208 -25.24 -37.16 -4.21
CA PRO A 208 -25.74 -38.55 -4.14
C PRO A 208 -26.11 -39.00 -2.74
N LYS A 209 -25.65 -38.28 -1.71
CA LYS A 209 -25.71 -38.71 -0.31
C LYS A 209 -26.49 -37.71 0.55
N GLN B 1 -13.43 -0.81 -5.02
CA GLN B 1 -12.23 -0.17 -4.47
C GLN B 1 -12.36 0.18 -2.96
N LEU B 2 -11.67 -0.66 -2.18
CA LEU B 2 -11.75 -0.65 -0.73
C LEU B 2 -10.74 0.33 -0.17
N GLN B 3 -11.16 1.10 0.83
CA GLN B 3 -10.26 2.00 1.56
C GLN B 3 -10.43 1.75 3.06
N LEU B 4 -9.35 1.98 3.78
CA LEU B 4 -9.28 1.75 5.22
C LEU B 4 -8.66 2.97 5.87
N GLN B 5 -9.27 3.45 6.96
CA GLN B 5 -8.81 4.63 7.66
C GLN B 5 -8.68 4.33 9.15
N GLU B 6 -7.46 4.40 9.67
CA GLU B 6 -7.19 4.31 11.10
C GLU B 6 -7.46 5.65 11.76
N SER B 7 -7.95 5.60 13.00
CA SER B 7 -8.04 6.76 13.86
C SER B 7 -7.65 6.30 15.25
N GLY B 8 -6.95 7.17 15.99
CA GLY B 8 -6.37 6.80 17.26
C GLY B 8 -5.99 8.01 18.09
N PRO B 9 -5.46 7.79 19.30
CA PRO B 9 -5.29 8.90 20.24
C PRO B 9 -4.06 9.75 20.02
N GLY B 10 -3.07 9.28 19.25
CA GLY B 10 -1.87 10.06 19.00
C GLY B 10 -0.86 9.94 20.12
N LEU B 11 -1.22 10.42 21.30
CA LEU B 11 -0.43 10.26 22.51
C LEU B 11 -1.18 9.36 23.48
N VAL B 12 -0.46 8.48 24.16
CA VAL B 12 -1.09 7.67 25.21
C VAL B 12 -0.08 7.49 26.34
N LYS B 13 -0.52 7.69 27.58
CA LYS B 13 0.34 7.56 28.76
C LYS B 13 0.67 6.09 29.03
N PRO B 14 1.87 5.78 29.52
CA PRO B 14 2.19 4.39 29.91
C PRO B 14 1.25 3.80 30.94
N SER B 15 1.12 2.46 30.89
CA SER B 15 0.21 1.58 31.64
C SER B 15 -1.26 1.69 31.20
N GLU B 16 -1.60 2.70 30.40
CA GLU B 16 -2.96 2.88 29.93
C GLU B 16 -3.23 1.99 28.71
N THR B 17 -4.47 2.03 28.22
CA THR B 17 -4.90 1.22 27.11
C THR B 17 -4.88 2.05 25.84
N LEU B 18 -4.20 1.55 24.82
CA LEU B 18 -4.23 2.16 23.49
C LEU B 18 -5.48 1.68 22.78
N SER B 19 -6.30 2.61 22.30
CA SER B 19 -7.56 2.29 21.63
C SER B 19 -7.58 2.87 20.23
N LEU B 20 -7.72 1.99 19.22
CA LEU B 20 -7.68 2.35 17.80
C LEU B 20 -8.91 1.82 17.08
N THR B 21 -9.32 2.54 16.05
CA THR B 21 -10.48 2.21 15.26
C THR B 21 -10.12 2.34 13.79
N CYS B 22 -10.49 1.34 12.99
CA CYS B 22 -10.35 1.36 11.54
C CYS B 22 -11.74 1.49 10.92
N THR B 23 -11.94 2.46 10.02
CA THR B 23 -13.23 2.68 9.37
C THR B 23 -13.19 2.21 7.92
N VAL B 24 -13.97 1.19 7.59
CA VAL B 24 -13.98 0.56 6.25
C VAL B 24 -14.89 1.35 5.31
N SER B 25 -14.45 1.57 4.07
CA SER B 25 -15.39 2.03 3.05
C SER B 25 -15.08 1.36 1.71
N GLY B 26 -16.12 1.14 0.91
CA GLY B 26 -15.99 0.37 -0.32
C GLY B 26 -16.25 -1.11 -0.14
N GLY B 27 -16.78 -1.51 1.00
CA GLY B 27 -16.96 -2.90 1.38
C GLY B 27 -17.52 -2.89 2.79
N SER B 28 -17.96 -4.06 3.22
CA SER B 28 -18.51 -4.22 4.57
C SER B 28 -17.62 -5.10 5.44
N ILE B 29 -17.42 -4.66 6.70
CA ILE B 29 -16.75 -5.48 7.72
C ILE B 29 -17.51 -6.79 7.97
N SER B 30 -18.82 -6.80 7.73
CA SER B 30 -19.66 -8.01 7.84
C SER B 30 -19.28 -9.13 6.89
N SER B 31 -18.44 -8.90 5.86
CA SER B 31 -18.22 -9.86 4.77
C SER B 31 -17.39 -11.05 5.27
N SER B 32 -18.02 -12.23 5.34
CA SER B 32 -17.38 -13.32 6.05
C SER B 32 -16.34 -14.07 5.21
N ASN B 33 -16.07 -13.65 3.97
CA ASN B 33 -14.98 -14.23 3.19
C ASN B 33 -13.63 -13.65 3.54
N PHE B 34 -13.57 -12.61 4.37
CA PHE B 34 -12.32 -11.91 4.63
C PHE B 34 -12.04 -11.86 6.11
N TYR B 35 -10.77 -11.75 6.45
CA TYR B 35 -10.31 -11.35 7.76
C TYR B 35 -9.74 -9.93 7.71
N TRP B 36 -9.58 -9.34 8.88
CA TRP B 36 -9.26 -7.94 9.05
C TRP B 36 -8.33 -7.84 10.23
N GLY B 37 -7.18 -7.17 10.05
CA GLY B 37 -6.12 -7.26 11.04
C GLY B 37 -5.37 -5.96 11.24
N TRP B 38 -4.46 -6.00 12.23
CA TRP B 38 -3.65 -4.88 12.66
C TRP B 38 -2.19 -5.28 12.63
N ILE B 39 -1.35 -4.39 12.03
CA ILE B 39 0.10 -4.57 11.90
C ILE B 39 0.73 -3.31 12.47
N ARG B 40 1.85 -3.44 13.17
CA ARG B 40 2.53 -2.24 13.67
C ARG B 40 3.99 -2.18 13.23
N GLN B 41 4.55 -0.98 13.31
CA GLN B 41 5.92 -0.71 12.86
C GLN B 41 6.52 0.34 13.78
N PRO B 42 7.35 -0.07 14.74
CA PRO B 42 8.05 0.93 15.56
C PRO B 42 9.03 1.72 14.71
N PRO B 43 9.35 2.96 15.08
CA PRO B 43 10.22 3.81 14.25
C PRO B 43 11.61 3.21 14.10
N GLY B 44 12.04 3.04 12.85
CA GLY B 44 13.29 2.38 12.54
C GLY B 44 13.21 0.90 12.23
N LYS B 45 12.16 0.20 12.68
CA LYS B 45 12.08 -1.25 12.64
C LYS B 45 11.07 -1.68 11.55
N GLY B 46 10.96 -2.98 11.30
CA GLY B 46 10.00 -3.54 10.39
C GLY B 46 8.67 -3.87 11.03
N LEU B 47 8.04 -4.90 10.50
CA LEU B 47 6.62 -5.11 10.74
C LEU B 47 6.43 -6.27 11.70
N GLU B 48 5.35 -6.15 12.47
CA GLU B 48 4.91 -7.16 13.42
C GLU B 48 3.39 -7.21 13.35
N TRP B 49 2.83 -8.42 13.24
CA TRP B 49 1.38 -8.63 13.17
C TRP B 49 0.77 -8.76 14.57
N ILE B 50 -0.43 -8.22 14.76
CA ILE B 50 -1.00 -8.12 16.11
C ILE B 50 -2.15 -9.10 16.30
N ALA B 51 -3.22 -8.96 15.52
CA ALA B 51 -4.37 -9.85 15.61
C ALA B 51 -5.19 -9.71 14.34
N SER B 52 -6.07 -10.71 14.08
CA SER B 52 -7.03 -10.62 12.99
C SER B 52 -8.38 -11.18 13.42
N ILE B 53 -9.43 -10.67 12.79
CA ILE B 53 -10.80 -11.04 13.14
C ILE B 53 -11.64 -11.15 11.86
N THR B 54 -12.68 -12.00 11.90
CA THR B 54 -13.72 -12.06 10.87
C THR B 54 -15.08 -11.81 11.53
N TYR B 55 -16.14 -11.74 10.70
CA TYR B 55 -17.48 -11.30 11.13
C TYR B 55 -18.02 -12.12 12.30
N SER B 56 -17.72 -13.43 12.34
CA SER B 56 -18.23 -14.28 13.41
C SER B 56 -17.72 -13.86 14.78
N GLY B 57 -16.50 -13.33 14.85
CA GLY B 57 -15.78 -13.11 16.08
C GLY B 57 -14.61 -14.04 16.26
N ARG B 58 -14.35 -14.89 15.27
CA ARG B 58 -13.19 -15.77 15.33
C ARG B 58 -11.92 -14.94 15.16
N THR B 59 -10.90 -15.26 15.96
CA THR B 59 -9.79 -14.35 16.22
C THR B 59 -8.48 -15.13 16.22
N PHE B 60 -7.45 -14.54 15.65
CA PHE B 60 -6.11 -15.07 15.76
C PHE B 60 -5.24 -13.97 16.35
N TYR B 61 -4.33 -14.33 17.26
CA TYR B 61 -3.49 -13.38 17.97
C TYR B 61 -2.03 -13.75 17.77
N ASN B 62 -1.18 -12.73 17.76
CA ASN B 62 0.24 -12.89 18.03
C ASN B 62 0.37 -13.41 19.46
N PRO B 63 1.02 -14.55 19.69
CA PRO B 63 1.09 -15.13 21.06
C PRO B 63 1.82 -14.26 22.08
N SER B 64 2.69 -13.37 21.64
CA SER B 64 3.44 -12.51 22.55
C SER B 64 2.68 -11.24 22.94
N LEU B 65 1.58 -10.95 22.26
CA LEU B 65 0.76 -9.79 22.55
C LEU B 65 -0.62 -10.17 23.07
N LYS B 66 -0.97 -11.46 23.07
CA LYS B 66 -2.37 -11.92 23.20
C LYS B 66 -3.00 -11.55 24.54
N SER B 67 -2.25 -11.69 25.62
CA SER B 67 -2.73 -11.33 26.95
C SER B 67 -3.00 -9.82 27.11
N ARG B 68 -2.48 -8.98 26.20
CA ARG B 68 -2.74 -7.55 26.22
C ARG B 68 -3.62 -7.03 25.10
N VAL B 69 -4.13 -7.89 24.21
CA VAL B 69 -4.80 -7.48 22.98
C VAL B 69 -6.28 -7.83 23.06
N ALA B 70 -7.15 -6.88 22.68
CA ALA B 70 -8.55 -7.15 22.43
C ALA B 70 -8.96 -6.58 21.07
N ILE B 71 -9.58 -7.39 20.22
CA ILE B 71 -10.00 -6.96 18.89
C ILE B 71 -11.46 -7.33 18.69
N SER B 72 -12.24 -6.38 18.16
CA SER B 72 -13.67 -6.54 17.99
C SER B 72 -14.09 -5.93 16.66
N VAL B 73 -15.25 -6.38 16.16
CA VAL B 73 -15.88 -5.77 14.99
C VAL B 73 -17.18 -5.11 15.43
N ASP B 74 -17.55 -4.04 14.73
CA ASP B 74 -18.78 -3.29 14.96
C ASP B 74 -19.44 -3.14 13.59
N THR B 75 -20.27 -4.12 13.20
CA THR B 75 -20.95 -4.07 11.90
C THR B 75 -21.91 -2.90 11.78
N SER B 76 -22.29 -2.27 12.89
CA SER B 76 -23.25 -1.17 12.84
C SER B 76 -22.61 0.13 12.40
N LYS B 77 -21.28 0.24 12.45
CA LYS B 77 -20.56 1.43 12.01
C LYS B 77 -19.55 1.15 10.91
N ASN B 78 -19.47 -0.09 10.41
CA ASN B 78 -18.49 -0.53 9.40
C ASN B 78 -17.07 -0.33 9.92
N GLN B 79 -16.84 -0.78 11.14
CA GLN B 79 -15.57 -0.57 11.81
C GLN B 79 -15.08 -1.86 12.47
N PHE B 80 -13.77 -1.93 12.71
CA PHE B 80 -13.24 -2.88 13.67
C PHE B 80 -12.13 -2.18 14.46
N SER B 81 -11.92 -2.65 15.69
CA SER B 81 -11.20 -1.92 16.71
CA SER B 81 -11.20 -1.91 16.70
C SER B 81 -10.13 -2.77 17.35
N LEU B 82 -9.09 -2.11 17.88
CA LEU B 82 -8.00 -2.77 18.61
C LEU B 82 -7.80 -2.04 19.93
N LYS B 83 -7.63 -2.81 21.02
CA LYS B 83 -7.24 -2.26 22.31
C LYS B 83 -6.00 -2.99 22.78
N LEU B 84 -4.98 -2.22 23.17
CA LEU B 84 -3.70 -2.75 23.62
C LEU B 84 -3.44 -2.18 25.01
N SER B 85 -3.52 -3.03 26.03
CA SER B 85 -3.52 -2.56 27.41
C SER B 85 -2.12 -2.56 28.00
N SER B 86 -1.92 -1.68 28.99
CA SER B 86 -0.64 -1.49 29.71
C SER B 86 0.49 -1.16 28.76
N VAL B 87 0.34 -0.05 28.04
CA VAL B 87 1.36 0.26 27.04
C VAL B 87 2.62 0.74 27.74
N THR B 88 3.75 0.43 27.13
CA THR B 88 5.03 1.05 27.46
C THR B 88 5.58 1.67 26.19
N ALA B 89 6.82 2.17 26.30
CA ALA B 89 7.50 2.82 25.18
C ALA B 89 7.78 1.87 24.02
N ALA B 90 7.78 0.55 24.29
CA ALA B 90 7.94 -0.44 23.23
C ALA B 90 6.70 -0.58 22.36
N ASP B 91 5.59 0.08 22.70
CA ASP B 91 4.40 0.08 21.86
C ASP B 91 4.27 1.36 21.05
N THR B 92 5.27 2.24 21.12
CA THR B 92 5.33 3.36 20.18
C THR B 92 5.61 2.80 18.77
N ALA B 93 4.70 3.06 17.83
CA ALA B 93 4.71 2.47 16.49
C ALA B 93 3.72 3.20 15.62
N VAL B 94 3.87 3.03 14.30
CA VAL B 94 2.76 3.28 13.39
C VAL B 94 1.89 2.01 13.36
N TYR B 95 0.59 2.17 13.57
CA TYR B 95 -0.37 1.06 13.52
C TYR B 95 -1.15 1.11 12.21
N TYR B 96 -1.18 -0.04 11.51
CA TYR B 96 -1.86 -0.21 10.22
C TYR B 96 -3.00 -1.20 10.37
N CYS B 97 -4.19 -0.84 9.90
CA CYS B 97 -5.25 -1.81 9.72
C CYS B 97 -5.24 -2.32 8.28
N ALA B 98 -5.81 -3.51 8.08
CA ALA B 98 -5.71 -4.13 6.77
C ALA B 98 -6.76 -5.23 6.60
N ARG B 99 -7.07 -5.52 5.33
CA ARG B 99 -7.91 -6.66 5.02
C ARG B 99 -7.03 -7.75 4.39
N THR B 100 -7.31 -9.00 4.77
CA THR B 100 -6.56 -10.12 4.23
C THR B 100 -7.08 -10.56 2.87
N PHE B 101 -6.31 -11.43 2.22
CA PHE B 101 -6.81 -12.19 1.08
C PHE B 101 -7.94 -13.11 1.53
N PRO B 102 -8.91 -13.39 0.65
CA PRO B 102 -10.10 -14.14 1.07
C PRO B 102 -9.80 -15.57 1.47
N SER B 103 -10.59 -16.05 2.44
CA SER B 103 -10.50 -17.44 2.89
C SER B 103 -11.09 -18.37 1.84
N TYR B 104 -10.46 -19.55 1.67
CA TYR B 104 -10.95 -20.52 0.70
C TYR B 104 -10.50 -21.94 1.05
N TYR B 105 -11.19 -22.91 0.44
CA TYR B 105 -10.87 -24.32 0.61
C TYR B 105 -10.23 -24.85 -0.67
N ASP B 106 -9.25 -25.74 -0.52
CA ASP B 106 -8.70 -26.34 -1.72
C ASP B 106 -9.47 -27.63 -2.04
N ARG B 107 -8.99 -28.33 -3.08
CA ARG B 107 -9.60 -29.57 -3.55
C ARG B 107 -9.58 -30.66 -2.48
N SER B 108 -8.55 -30.69 -1.64
CA SER B 108 -8.49 -31.66 -0.57
C SER B 108 -9.39 -31.31 0.59
N GLY B 109 -9.80 -30.04 0.72
CA GLY B 109 -10.58 -29.61 1.85
C GLY B 109 -9.85 -28.79 2.90
N TYR B 110 -8.59 -28.43 2.67
N TYR B 110 -8.59 -28.42 2.67
CA TYR B 110 -7.84 -27.62 3.63
CA TYR B 110 -7.84 -27.61 3.62
C TYR B 110 -8.33 -26.17 3.54
C TYR B 110 -8.30 -26.15 3.55
N HIS B 111 -8.51 -25.54 4.72
CA HIS B 111 -9.06 -24.19 4.81
C HIS B 111 -7.91 -23.22 4.97
N TYR B 112 -7.59 -22.51 3.89
CA TYR B 112 -6.69 -21.37 3.95
C TYR B 112 -7.44 -20.14 4.44
N LEU B 113 -6.88 -19.44 5.42
CA LEU B 113 -7.55 -18.30 6.02
C LEU B 113 -6.49 -17.46 6.73
N ASN B 114 -6.64 -16.13 6.64
CA ASN B 114 -5.83 -15.16 7.39
C ASN B 114 -4.33 -15.41 7.19
N TYR B 115 -3.90 -15.48 5.93
CA TYR B 115 -2.51 -15.82 5.70
C TYR B 115 -1.69 -14.64 5.24
N GLY B 116 -2.30 -13.54 4.82
CA GLY B 116 -1.50 -12.43 4.28
C GLY B 116 -2.40 -11.26 3.98
N MET B 117 -1.76 -10.08 3.84
CA MET B 117 -2.48 -8.81 3.75
C MET B 117 -2.58 -8.31 2.31
N ASP B 118 -3.76 -7.79 1.96
CA ASP B 118 -4.11 -7.40 0.60
C ASP B 118 -4.32 -5.90 0.47
N VAL B 119 -5.24 -5.30 1.23
CA VAL B 119 -5.47 -3.85 1.20
C VAL B 119 -5.00 -3.28 2.53
N TRP B 120 -4.13 -2.28 2.47
CA TRP B 120 -3.57 -1.67 3.67
C TRP B 120 -4.19 -0.29 3.91
N GLY B 121 -4.35 0.06 5.18
CA GLY B 121 -4.69 1.42 5.55
C GLY B 121 -3.44 2.31 5.54
N GLN B 122 -3.64 3.59 5.89
CA GLN B 122 -2.56 4.57 5.75
C GLN B 122 -1.64 4.63 6.94
N GLY B 123 -1.99 3.99 8.05
CA GLY B 123 -1.20 4.10 9.27
C GLY B 123 -1.58 5.19 10.23
N THR B 124 -1.47 4.92 11.52
CA THR B 124 -1.71 5.95 12.53
C THR B 124 -0.54 5.90 13.50
N THR B 125 0.07 7.06 13.73
CA THR B 125 1.26 7.15 14.57
C THR B 125 0.85 7.22 16.04
N VAL B 126 1.38 6.31 16.84
CA VAL B 126 1.08 6.25 18.27
C VAL B 126 2.39 6.42 19.04
N THR B 127 2.41 7.40 19.95
CA THR B 127 3.56 7.65 20.83
C THR B 127 3.15 7.35 22.27
N VAL B 128 3.97 6.60 22.98
CA VAL B 128 3.76 6.34 24.42
C VAL B 128 4.74 7.18 25.25
N SER B 129 4.24 8.11 26.04
CA SER B 129 5.13 8.99 26.81
C SER B 129 4.38 9.56 28.01
N SER B 130 5.15 9.92 29.04
CA SER B 130 4.62 10.69 30.16
C SER B 130 4.49 12.18 29.85
N ALA B 131 5.20 12.69 28.84
CA ALA B 131 5.09 14.10 28.48
C ALA B 131 3.69 14.42 27.97
N SER B 132 3.30 15.67 28.14
CA SER B 132 1.98 16.13 27.75
C SER B 132 1.99 16.64 26.30
N THR B 133 0.82 16.61 25.67
CA THR B 133 0.69 17.11 24.32
CA THR B 133 0.66 17.12 24.32
C THR B 133 0.97 18.60 24.29
N LYS B 134 1.53 19.07 23.18
CA LYS B 134 1.84 20.48 23.02
C LYS B 134 1.55 20.89 21.58
N GLY B 135 0.64 21.83 21.39
CA GLY B 135 0.29 22.33 20.08
C GLY B 135 1.41 23.18 19.55
N PRO B 136 1.41 23.44 18.25
CA PRO B 136 2.56 24.12 17.63
C PRO B 136 2.40 25.63 17.56
N SER B 137 3.54 26.28 17.49
CA SER B 137 3.64 27.71 17.19
C SER B 137 3.94 27.85 15.69
N VAL B 138 3.05 28.50 14.95
CA VAL B 138 3.21 28.57 13.49
C VAL B 138 3.64 29.99 13.11
N PHE B 139 4.82 30.10 12.48
CA PHE B 139 5.35 31.38 12.02
C PHE B 139 5.54 31.40 10.52
N PRO B 140 5.33 32.54 9.86
CA PRO B 140 5.55 32.60 8.41
C PRO B 140 7.03 32.77 8.07
N LEU B 141 7.42 32.18 6.94
CA LEU B 141 8.77 32.39 6.38
C LEU B 141 8.57 33.13 5.07
N ALA B 142 8.71 34.46 5.12
CA ALA B 142 8.35 35.33 4.01
C ALA B 142 9.34 35.17 2.85
N PRO B 143 8.90 35.43 1.62
CA PRO B 143 9.88 35.50 0.51
C PRO B 143 10.71 36.78 0.58
N SER B 144 12.00 36.67 0.20
CA SER B 144 12.93 37.82 0.21
C SER B 144 14.10 37.70 -0.78
N SER B 145 15.09 36.83 -0.46
CA SER B 145 16.24 36.57 -1.31
C SER B 145 16.83 35.18 -1.02
N THR B 148 14.29 32.54 -2.64
CA THR B 148 13.67 33.64 -3.35
C THR B 148 14.67 34.19 -4.41
N SER B 149 15.58 33.30 -4.81
CA SER B 149 16.50 33.56 -5.90
C SER B 149 16.07 32.76 -7.14
N GLY B 150 15.85 33.47 -8.24
CA GLY B 150 15.55 32.85 -9.51
C GLY B 150 14.48 33.62 -10.23
N GLY B 151 13.88 32.96 -11.23
CA GLY B 151 12.58 33.30 -11.74
C GLY B 151 11.45 32.80 -10.87
N THR B 152 11.79 32.10 -9.79
CA THR B 152 10.86 31.64 -8.78
C THR B 152 11.32 32.16 -7.43
N ALA B 153 10.46 31.93 -6.44
CA ALA B 153 10.63 32.44 -5.09
C ALA B 153 10.23 31.35 -4.11
N ALA B 154 10.96 31.22 -3.01
CA ALA B 154 10.60 30.25 -1.97
C ALA B 154 9.97 30.98 -0.79
N LEU B 155 8.85 30.47 -0.31
CA LEU B 155 8.19 30.98 0.88
C LEU B 155 7.81 29.79 1.74
N GLY B 156 7.73 30.01 3.05
CA GLY B 156 7.54 28.88 3.92
C GLY B 156 6.57 29.05 5.06
N CYS B 157 6.66 28.10 5.99
CA CYS B 157 5.75 27.98 7.12
C CYS B 157 6.50 27.15 8.17
N LEU B 158 6.91 27.80 9.26
CA LEU B 158 7.63 27.13 10.34
C LEU B 158 6.66 26.66 11.42
N VAL B 159 6.74 25.37 11.76
CA VAL B 159 5.84 24.72 12.72
C VAL B 159 6.72 24.30 13.89
N LYS B 160 6.68 25.05 14.98
CA LYS B 160 7.70 24.98 16.02
C LYS B 160 7.10 24.42 17.32
N ASP B 161 7.88 23.56 17.98
CA ASP B 161 7.74 23.19 19.39
C ASP B 161 6.42 22.48 19.67
N TYR B 162 6.16 21.41 18.91
CA TYR B 162 4.97 20.61 19.12
C TYR B 162 5.34 19.22 19.61
N PHE B 163 4.33 18.51 20.16
CA PHE B 163 4.49 17.14 20.65
C PHE B 163 3.10 16.56 20.80
N PRO B 164 2.86 15.29 20.41
CA PRO B 164 3.76 14.38 19.69
C PRO B 164 3.60 14.54 18.19
N GLU B 165 4.32 13.69 17.46
CA GLU B 165 4.10 13.55 16.03
C GLU B 165 2.72 12.98 15.75
N PRO B 166 2.11 13.33 14.59
CA PRO B 166 2.60 14.17 13.49
C PRO B 166 1.83 15.46 13.23
N VAL B 167 2.33 16.29 12.32
CA VAL B 167 1.54 17.38 11.75
C VAL B 167 1.48 17.17 10.25
N THR B 168 0.37 17.65 9.65
CA THR B 168 0.24 17.73 8.19
C THR B 168 0.14 19.19 7.81
N VAL B 169 0.78 19.55 6.69
CA VAL B 169 0.75 20.90 6.15
C VAL B 169 0.23 20.81 4.73
N SER B 170 -0.81 21.58 4.43
CA SER B 170 -1.20 21.85 3.07
C SER B 170 -1.13 23.35 2.83
N TRP B 171 -1.43 23.75 1.60
CA TRP B 171 -1.30 25.14 1.19
C TRP B 171 -2.54 25.53 0.39
N ASN B 172 -3.14 26.66 0.78
CA ASN B 172 -4.37 27.20 0.16
C ASN B 172 -5.49 26.15 0.10
N SER B 173 -5.66 25.41 1.21
CA SER B 173 -6.66 24.35 1.37
C SER B 173 -6.52 23.27 0.30
N GLY B 174 -5.29 22.92 -0.02
CA GLY B 174 -5.01 21.88 -0.99
C GLY B 174 -5.01 22.32 -2.43
N ALA B 175 -5.47 23.54 -2.73
CA ALA B 175 -5.53 24.05 -4.10
C ALA B 175 -4.16 24.21 -4.72
N LEU B 176 -3.11 24.25 -3.91
CA LEU B 176 -1.75 24.44 -4.38
C LEU B 176 -0.95 23.22 -3.94
N THR B 177 -0.43 22.45 -4.91
CA THR B 177 0.30 21.22 -4.63
C THR B 177 1.69 21.25 -5.25
N SER B 178 1.82 21.90 -6.41
CA SER B 178 3.10 21.92 -7.11
C SER B 178 4.09 22.84 -6.40
N GLY B 179 5.32 22.37 -6.25
CA GLY B 179 6.34 23.13 -5.55
C GLY B 179 6.30 23.01 -4.04
N VAL B 180 5.32 22.30 -3.49
CA VAL B 180 5.21 22.08 -2.05
C VAL B 180 6.21 21.02 -1.62
N HIS B 181 6.98 21.33 -0.58
CA HIS B 181 7.96 20.42 -0.01
C HIS B 181 7.84 20.57 1.50
N THR B 182 7.32 19.54 2.16
CA THR B 182 7.26 19.51 3.62
C THR B 182 8.45 18.69 4.12
N PHE B 183 9.31 19.34 4.93
CA PHE B 183 10.52 18.67 5.38
C PHE B 183 10.21 17.83 6.60
N PRO B 184 10.91 16.72 6.80
CA PRO B 184 10.73 15.95 8.03
C PRO B 184 11.10 16.73 9.29
N ALA B 185 10.48 16.35 10.39
CA ALA B 185 10.62 17.08 11.64
C ALA B 185 11.99 16.87 12.26
N VAL B 186 12.49 17.92 12.93
CA VAL B 186 13.62 17.72 13.82
C VAL B 186 13.05 17.43 15.20
N LEU B 187 13.74 16.56 15.93
CA LEU B 187 13.40 16.30 17.34
C LEU B 187 14.47 17.02 18.15
N GLN B 188 14.07 18.09 18.80
CA GLN B 188 15.03 18.96 19.49
C GLN B 188 15.41 18.35 20.87
N SER B 189 16.36 18.94 21.58
CA SER B 189 16.84 18.43 22.89
C SER B 189 15.77 18.51 23.96
N SER B 190 14.85 19.45 23.82
CA SER B 190 13.73 19.58 24.76
C SER B 190 12.75 18.41 24.70
N GLY B 191 12.82 17.56 23.67
CA GLY B 191 11.79 16.56 23.46
C GLY B 191 10.60 17.05 22.67
N LEU B 192 10.68 18.25 22.10
CA LEU B 192 9.65 18.79 21.23
C LEU B 192 10.12 18.74 19.79
N TYR B 193 9.16 18.77 18.87
CA TYR B 193 9.41 18.63 17.44
C TYR B 193 9.23 19.97 16.75
N SER B 194 9.97 20.17 15.68
CA SER B 194 9.79 21.30 14.79
C SER B 194 9.96 20.82 13.36
N LEU B 195 9.15 21.35 12.45
CA LEU B 195 9.36 21.17 11.02
C LEU B 195 9.03 22.44 10.27
N SER B 196 9.36 22.42 8.97
CA SER B 196 9.06 23.52 8.07
C SER B 196 8.43 22.97 6.80
N SER B 197 7.67 23.81 6.11
CA SER B 197 7.09 23.47 4.83
C SER B 197 7.25 24.65 3.89
N VAL B 198 7.95 24.47 2.79
CA VAL B 198 8.10 25.55 1.82
C VAL B 198 7.36 25.23 0.54
N VAL B 199 7.07 26.29 -0.20
CA VAL B 199 6.53 26.18 -1.54
C VAL B 199 7.21 27.19 -2.46
N THR B 200 7.74 26.67 -3.58
CA THR B 200 8.34 27.47 -4.62
C THR B 200 7.24 28.06 -5.49
N VAL B 201 7.18 29.39 -5.58
CA VAL B 201 6.07 30.06 -6.28
C VAL B 201 6.65 30.91 -7.37
N PRO B 202 5.86 31.32 -8.36
CA PRO B 202 6.33 32.32 -9.33
C PRO B 202 6.60 33.67 -8.68
N SER B 203 7.76 34.25 -9.04
CA SER B 203 8.21 35.55 -8.52
C SER B 203 7.21 36.67 -8.80
N SER B 204 6.59 36.64 -9.97
CA SER B 204 5.63 37.68 -10.36
C SER B 204 4.32 37.62 -9.57
N SER B 205 3.97 36.46 -9.03
CA SER B 205 2.63 36.24 -8.50
C SER B 205 2.52 36.58 -7.03
N LEU B 206 3.50 37.28 -6.46
CA LEU B 206 3.44 37.64 -5.05
C LEU B 206 2.40 38.72 -4.77
N GLY B 207 2.09 39.56 -5.76
CA GLY B 207 1.12 40.61 -5.56
C GLY B 207 -0.32 40.14 -5.59
N THR B 208 -0.64 39.24 -6.53
CA THR B 208 -2.02 38.86 -6.81
C THR B 208 -2.50 37.72 -5.92
N GLN B 209 -1.69 36.69 -5.75
CA GLN B 209 -2.08 35.48 -5.03
C GLN B 209 -1.64 35.55 -3.58
N THR B 210 -2.55 35.17 -2.68
CA THR B 210 -2.23 35.07 -1.26
C THR B 210 -1.99 33.61 -0.89
N TYR B 211 -1.07 33.40 0.05
CA TYR B 211 -0.59 32.06 0.38
C TYR B 211 -0.84 31.78 1.86
N ILE B 212 -1.71 30.78 2.13
CA ILE B 212 -1.99 30.29 3.47
C ILE B 212 -1.43 28.88 3.58
N CYS B 213 -0.63 28.62 4.61
CA CYS B 213 -0.36 27.24 4.98
C CYS B 213 -1.40 26.81 6.01
N ASN B 214 -1.96 25.62 5.82
CA ASN B 214 -2.93 25.04 6.74
C ASN B 214 -2.20 23.95 7.51
N VAL B 215 -1.81 24.25 8.73
CA VAL B 215 -1.18 23.29 9.63
C VAL B 215 -2.26 22.54 10.37
N ASN B 216 -2.06 21.25 10.60
CA ASN B 216 -3.01 20.48 11.40
C ASN B 216 -2.22 19.61 12.36
N HIS B 217 -2.48 19.73 13.66
CA HIS B 217 -1.87 18.89 14.68
C HIS B 217 -2.98 18.16 15.41
N LYS B 218 -3.39 17.00 14.85
CA LYS B 218 -4.49 16.22 15.44
C LYS B 218 -4.33 15.83 16.91
N PRO B 219 -3.15 15.39 17.43
CA PRO B 219 -3.07 15.05 18.87
C PRO B 219 -3.38 16.17 19.86
N SER B 220 -3.36 17.44 19.46
CA SER B 220 -3.71 18.53 20.36
C SER B 220 -4.92 19.27 19.87
N ASN B 221 -5.56 18.76 18.81
CA ASN B 221 -6.79 19.29 18.24
C ASN B 221 -6.65 20.77 17.85
N THR B 222 -5.58 21.06 17.10
CA THR B 222 -5.25 22.40 16.62
C THR B 222 -5.20 22.42 15.10
N LYS B 223 -5.77 23.47 14.51
CA LYS B 223 -5.54 23.83 13.12
C LYS B 223 -5.11 25.29 13.07
N VAL B 224 -4.11 25.61 12.25
CA VAL B 224 -3.65 26.99 12.07
C VAL B 224 -3.63 27.28 10.58
N ASP B 225 -4.32 28.34 10.16
CA ASP B 225 -4.23 28.87 8.80
C ASP B 225 -3.36 30.11 8.88
N LYS B 226 -2.11 30.03 8.46
CA LYS B 226 -1.18 31.13 8.61
C LYS B 226 -0.95 31.82 7.26
N LYS B 227 -1.43 33.08 7.12
CA LYS B 227 -1.06 33.87 5.94
C LYS B 227 0.42 34.18 5.91
N VAL B 228 1.03 33.91 4.76
CA VAL B 228 2.41 34.26 4.45
C VAL B 228 2.41 35.33 3.38
N GLU B 229 3.14 36.40 3.62
CA GLU B 229 3.00 37.65 2.94
C GLU B 229 4.41 38.19 2.71
N PRO B 230 4.68 38.85 1.56
CA PRO B 230 5.97 39.45 1.19
C PRO B 230 6.71 40.30 2.23
N ASN C 1 7.97 -21.85 16.76
CA ASN C 1 7.71 -20.55 16.14
C ASN C 1 8.94 -20.06 15.34
N PHE C 2 8.94 -20.26 14.03
CA PHE C 2 10.11 -20.05 13.20
C PHE C 2 10.38 -18.55 12.99
N MET C 3 11.55 -18.26 12.42
CA MET C 3 11.91 -16.92 11.97
C MET C 3 12.23 -16.95 10.48
N LEU C 4 12.23 -15.76 9.89
CA LEU C 4 12.58 -15.58 8.49
C LEU C 4 13.70 -14.58 8.39
N THR C 5 14.71 -14.90 7.58
CA THR C 5 15.90 -14.08 7.47
C THR C 5 16.11 -13.65 6.02
N GLN C 6 16.20 -12.35 5.82
CA GLN C 6 16.48 -11.35 4.81
C GLN C 6 17.82 -10.64 4.99
N PRO C 7 18.51 -10.40 3.87
CA PRO C 7 19.65 -9.49 3.89
C PRO C 7 19.19 -8.09 4.32
N HIS C 8 20.07 -7.42 5.09
CA HIS C 8 19.78 -6.06 5.53
CA HIS C 8 19.83 -6.06 5.53
C HIS C 8 19.72 -5.10 4.36
N SER C 9 20.60 -5.25 3.35
CA SER C 9 20.50 -4.39 2.19
C SER C 9 20.99 -5.10 0.93
N MET C 10 20.65 -4.50 -0.21
CA MET C 10 20.86 -5.13 -1.50
C MET C 10 21.09 -4.01 -2.52
N SER C 11 22.05 -4.20 -3.41
CA SER C 11 22.49 -3.16 -4.33
C SER C 11 22.60 -3.73 -5.74
N GLU C 12 21.99 -3.04 -6.71
CA GLU C 12 22.13 -3.47 -8.09
C GLU C 12 21.94 -2.27 -9.03
N SER C 13 22.58 -2.36 -10.22
CA SER C 13 22.55 -1.34 -11.25
C SER C 13 21.21 -1.32 -11.97
N PRO C 14 20.83 -0.19 -12.59
CA PRO C 14 19.58 -0.16 -13.38
C PRO C 14 19.62 -1.13 -14.55
N GLY C 15 18.44 -1.59 -14.96
CA GLY C 15 18.32 -2.58 -16.00
C GLY C 15 18.72 -4.00 -15.62
N LYS C 16 19.54 -4.18 -14.58
CA LYS C 16 19.94 -5.50 -14.14
C LYS C 16 18.79 -6.16 -13.38
N THR C 17 19.01 -7.40 -12.97
CA THR C 17 18.01 -8.18 -12.25
C THR C 17 18.54 -8.46 -10.84
N VAL C 18 17.68 -8.26 -9.85
CA VAL C 18 18.10 -8.39 -8.46
C VAL C 18 17.15 -9.37 -7.78
N THR C 19 17.65 -10.08 -6.75
CA THR C 19 16.84 -11.06 -6.02
C THR C 19 17.06 -10.94 -4.52
N ILE C 20 15.97 -10.64 -3.79
CA ILE C 20 15.99 -10.65 -2.33
C ILE C 20 15.50 -12.03 -1.88
N SER C 21 16.31 -12.72 -1.06
CA SER C 21 15.95 -14.03 -0.56
C SER C 21 15.47 -13.95 0.88
N CYS C 22 14.66 -14.93 1.27
CA CYS C 22 13.99 -14.96 2.57
C CYS C 22 14.01 -16.42 3.02
N THR C 23 14.78 -16.75 4.05
CA THR C 23 15.11 -18.13 4.40
C THR C 23 14.42 -18.49 5.71
N ARG C 24 13.59 -19.54 5.66
CA ARG C 24 12.83 -19.98 6.82
C ARG C 24 13.68 -20.88 7.71
N SER C 25 13.66 -20.61 9.01
CA SER C 25 14.63 -21.19 9.93
C SER C 25 14.31 -22.64 10.27
N SER C 26 13.03 -22.95 10.48
CA SER C 26 12.60 -24.31 10.75
C SER C 26 11.25 -24.53 10.06
N GLY C 27 10.95 -25.80 9.79
CA GLY C 27 9.82 -26.13 8.93
C GLY C 27 10.22 -26.00 7.47
N SER C 28 9.26 -26.24 6.60
CA SER C 28 9.49 -26.13 5.17
C SER C 28 8.85 -24.84 4.65
N ILE C 29 9.60 -24.13 3.81
CA ILE C 29 9.14 -22.87 3.21
C ILE C 29 7.91 -23.11 2.32
N ALA C 30 7.76 -24.32 1.79
CA ALA C 30 6.65 -24.69 0.93
C ALA C 30 5.37 -25.03 1.69
N SER C 31 5.41 -25.16 3.02
CA SER C 31 4.20 -25.54 3.77
C SER C 31 3.18 -24.41 3.91
N ASN C 32 3.57 -23.16 3.69
CA ASN C 32 2.71 -22.02 3.96
C ASN C 32 3.01 -20.92 2.94
N TYR C 33 1.98 -20.11 2.65
CA TYR C 33 2.10 -19.06 1.64
C TYR C 33 3.04 -17.94 2.08
N VAL C 34 3.81 -17.44 1.13
CA VAL C 34 4.79 -16.37 1.36
C VAL C 34 4.29 -15.11 0.65
N GLN C 35 4.30 -13.99 1.37
CA GLN C 35 3.92 -12.70 0.80
C GLN C 35 5.12 -11.78 0.78
N TRP C 36 5.10 -10.82 -0.14
CA TRP C 36 6.11 -9.78 -0.19
C TRP C 36 5.42 -8.43 -0.13
N TYR C 37 5.97 -7.54 0.72
CA TYR C 37 5.48 -6.18 0.88
C TYR C 37 6.58 -5.17 0.59
N GLN C 38 6.22 -4.14 -0.17
CA GLN C 38 7.09 -3.03 -0.51
C GLN C 38 6.71 -1.79 0.29
N GLN C 39 7.70 -1.07 0.81
CA GLN C 39 7.42 0.14 1.56
C GLN C 39 8.43 1.21 1.16
N ARG C 40 7.93 2.28 0.56
CA ARG C 40 8.67 3.48 0.26
C ARG C 40 8.83 4.31 1.53
N PRO C 41 9.78 5.25 1.56
CA PRO C 41 9.88 6.12 2.75
C PRO C 41 8.62 6.96 2.94
N GLY C 42 8.07 6.89 4.15
CA GLY C 42 6.93 7.68 4.53
C GLY C 42 5.57 7.08 4.20
N SER C 43 5.51 5.95 3.49
CA SER C 43 4.27 5.38 2.99
C SER C 43 3.89 4.13 3.76
N SER C 44 2.62 3.75 3.64
CA SER C 44 2.19 2.49 4.18
C SER C 44 2.76 1.39 3.29
N PRO C 45 2.90 0.18 3.80
CA PRO C 45 3.34 -0.91 2.91
C PRO C 45 2.28 -1.24 1.87
N THR C 46 2.77 -1.80 0.76
CA THR C 46 1.99 -2.28 -0.38
C THR C 46 2.35 -3.72 -0.66
N THR C 47 1.34 -4.55 -0.94
CA THR C 47 1.58 -5.94 -1.29
C THR C 47 1.98 -6.05 -2.76
N VAL C 48 3.14 -6.66 -3.04
CA VAL C 48 3.59 -6.85 -4.41
C VAL C 48 3.57 -8.32 -4.83
N ILE C 49 3.65 -9.27 -3.90
CA ILE C 49 3.55 -10.70 -4.21
C ILE C 49 2.70 -11.36 -3.13
N TYR C 50 1.77 -12.22 -3.53
CA TYR C 50 1.12 -13.08 -2.56
C TYR C 50 1.06 -14.48 -3.10
N GLU C 51 0.84 -15.42 -2.18
CA GLU C 51 0.76 -16.86 -2.48
C GLU C 51 1.98 -17.35 -3.25
N ASP C 52 3.17 -16.86 -2.83
CA ASP C 52 4.52 -17.13 -3.32
C ASP C 52 4.85 -16.45 -4.65
N ASN C 53 3.86 -16.26 -5.53
CA ASN C 53 4.19 -15.80 -6.88
C ASN C 53 3.07 -15.07 -7.60
N GLN C 54 1.98 -14.75 -6.89
CA GLN C 54 0.84 -14.09 -7.52
C GLN C 54 1.02 -12.59 -7.34
N ARG C 55 0.77 -11.87 -8.42
CA ARG C 55 1.10 -10.46 -8.48
C ARG C 55 -0.19 -9.63 -8.57
N PRO C 56 -0.50 -8.81 -7.57
CA PRO C 56 -1.73 -7.99 -7.64
C PRO C 56 -1.66 -6.96 -8.76
N SER C 57 -2.84 -6.50 -9.18
CA SER C 57 -2.92 -5.55 -10.28
C SER C 57 -2.34 -4.20 -9.86
N GLY C 58 -1.53 -3.62 -10.75
CA GLY C 58 -0.80 -2.42 -10.43
C GLY C 58 0.66 -2.64 -10.13
N VAL C 59 1.04 -3.86 -9.79
CA VAL C 59 2.46 -4.17 -9.60
C VAL C 59 3.01 -4.52 -10.97
N PRO C 60 4.17 -3.99 -11.37
CA PRO C 60 4.74 -4.32 -12.66
C PRO C 60 5.04 -5.79 -12.95
N ASP C 61 4.94 -6.22 -14.22
CA ASP C 61 5.22 -7.61 -14.68
C ASP C 61 6.68 -7.96 -14.36
N ARG C 62 7.53 -6.97 -14.07
CA ARG C 62 8.97 -7.20 -13.78
C ARG C 62 9.18 -7.78 -12.39
N PHE C 63 8.23 -7.58 -11.48
CA PHE C 63 8.29 -8.18 -10.16
C PHE C 63 7.83 -9.64 -10.27
N SER C 64 8.60 -10.58 -9.71
CA SER C 64 8.18 -11.98 -9.73
C SER C 64 8.63 -12.68 -8.44
N GLY C 65 7.85 -13.68 -8.03
CA GLY C 65 8.12 -14.43 -6.81
C GLY C 65 8.33 -15.89 -7.09
N SER C 66 9.08 -16.57 -6.22
N SER C 66 9.11 -16.56 -6.24
CA SER C 66 9.44 -17.97 -6.45
CA SER C 66 9.45 -17.96 -6.44
C SER C 66 9.84 -18.60 -5.13
C SER C 66 9.79 -18.60 -5.11
N ILE C 67 9.83 -19.94 -5.12
CA ILE C 67 10.13 -20.75 -3.94
C ILE C 67 11.24 -21.72 -4.32
N ASP C 68 12.22 -21.90 -3.42
CA ASP C 68 13.33 -22.84 -3.62
C ASP C 68 13.44 -23.69 -2.35
N SER C 69 12.95 -24.93 -2.40
CA SER C 69 12.92 -25.74 -1.19
C SER C 69 14.28 -26.35 -0.86
N SER C 70 15.21 -26.41 -1.80
CA SER C 70 16.51 -27.00 -1.51
C SER C 70 17.33 -26.13 -0.56
N SER C 71 17.09 -24.81 -0.58
CA SER C 71 17.69 -23.87 0.37
C SER C 71 16.68 -23.34 1.40
N ASN C 72 15.44 -23.87 1.39
CA ASN C 72 14.35 -23.49 2.30
C ASN C 72 14.06 -21.99 2.27
N SER C 73 13.92 -21.44 1.06
CA SER C 73 13.86 -20.00 0.91
C SER C 73 12.81 -19.59 -0.12
N ALA C 74 12.40 -18.33 -0.04
CA ALA C 74 11.56 -17.69 -1.03
C ALA C 74 12.36 -16.55 -1.65
N SER C 75 11.91 -16.06 -2.80
CA SER C 75 12.67 -15.02 -3.48
C SER C 75 11.76 -14.04 -4.19
N LEU C 76 11.97 -12.74 -3.92
CA LEU C 76 11.45 -11.69 -4.78
C LEU C 76 12.51 -11.36 -5.83
N THR C 77 12.10 -11.27 -7.09
CA THR C 77 13.01 -10.95 -8.18
C THR C 77 12.45 -9.78 -8.98
N ILE C 78 13.27 -8.72 -9.12
CA ILE C 78 12.87 -7.54 -9.89
C ILE C 78 13.76 -7.48 -11.12
N SER C 79 13.17 -7.70 -12.28
CA SER C 79 13.90 -7.63 -13.53
C SER C 79 13.80 -6.22 -14.10
N GLY C 80 14.84 -5.81 -14.84
CA GLY C 80 14.85 -4.51 -15.49
C GLY C 80 14.77 -3.39 -14.48
N LEU C 81 15.67 -3.46 -13.50
CA LEU C 81 15.61 -2.66 -12.27
C LEU C 81 15.55 -1.17 -12.55
N LYS C 82 14.61 -0.50 -11.91
CA LYS C 82 14.42 0.91 -12.12
C LYS C 82 14.65 1.66 -10.81
N THR C 83 14.97 2.95 -10.96
CA THR C 83 15.12 3.93 -9.88
C THR C 83 13.93 3.95 -8.93
N GLU C 84 12.73 3.72 -9.48
CA GLU C 84 11.45 3.71 -8.79
C GLU C 84 11.27 2.49 -7.90
N ASP C 85 12.16 1.50 -7.98
CA ASP C 85 12.06 0.30 -7.18
C ASP C 85 12.83 0.38 -5.87
N GLU C 86 13.54 1.48 -5.62
CA GLU C 86 14.22 1.69 -4.35
C GLU C 86 13.20 1.74 -3.24
N ALA C 87 13.29 0.79 -2.30
CA ALA C 87 12.36 0.67 -1.18
C ALA C 87 12.88 -0.41 -0.24
N ASP C 88 12.12 -0.63 0.83
CA ASP C 88 12.26 -1.75 1.74
C ASP C 88 11.30 -2.86 1.33
N TYR C 89 11.78 -4.08 1.35
CA TYR C 89 10.97 -5.24 1.00
C TYR C 89 10.94 -6.18 2.18
N TYR C 90 9.73 -6.58 2.59
CA TYR C 90 9.52 -7.48 3.70
C TYR C 90 8.86 -8.75 3.18
N CYS C 91 9.43 -9.90 3.53
CA CYS C 91 8.68 -11.13 3.30
C CYS C 91 7.83 -11.45 4.53
N GLN C 92 6.85 -12.32 4.34
CA GLN C 92 5.95 -12.65 5.43
C GLN C 92 5.35 -14.02 5.17
N SER C 93 5.31 -14.83 6.21
CA SER C 93 4.58 -16.08 6.13
C SER C 93 3.90 -16.31 7.48
N TYR C 94 3.73 -17.57 7.88
CA TYR C 94 2.88 -17.93 9.01
C TYR C 94 3.00 -19.43 9.25
N ASP C 95 2.70 -19.86 10.47
CA ASP C 95 2.33 -21.25 10.68
C ASP C 95 1.03 -21.33 11.48
N SER C 96 0.84 -22.40 12.25
CA SER C 96 -0.30 -22.48 13.14
C SER C 96 -0.20 -21.51 14.31
N SER C 97 1.00 -21.08 14.66
CA SER C 97 1.13 -20.32 15.89
C SER C 97 0.99 -18.81 15.65
N SER C 98 1.53 -18.31 14.55
CA SER C 98 1.66 -16.88 14.35
C SER C 98 2.01 -16.62 12.89
N TRP C 99 1.75 -15.40 12.44
CA TRP C 99 2.47 -14.82 11.31
C TRP C 99 3.93 -14.58 11.69
N VAL C 100 4.81 -14.62 10.68
CA VAL C 100 6.23 -14.34 10.85
C VAL C 100 6.65 -13.40 9.73
N PHE C 101 7.24 -12.25 10.08
CA PHE C 101 7.77 -11.30 9.12
C PHE C 101 9.29 -11.39 8.99
N GLY C 102 9.78 -11.14 7.78
CA GLY C 102 11.18 -10.84 7.61
C GLY C 102 11.55 -9.54 8.29
N GLY C 103 12.84 -9.38 8.56
CA GLY C 103 13.29 -8.11 9.05
C GLY C 103 13.39 -7.00 8.02
N GLY C 104 13.20 -7.30 6.72
CA GLY C 104 13.26 -6.19 5.77
C GLY C 104 14.59 -6.04 5.08
N THR C 105 14.53 -5.78 3.77
CA THR C 105 15.69 -5.56 2.92
C THR C 105 15.59 -4.20 2.26
N LYS C 106 16.57 -3.33 2.55
CA LYS C 106 16.72 -2.03 1.90
C LYS C 106 17.30 -2.23 0.50
N LEU C 107 16.54 -1.95 -0.55
CA LEU C 107 17.03 -2.12 -1.91
C LEU C 107 17.54 -0.79 -2.45
N THR C 108 18.82 -0.78 -2.83
CA THR C 108 19.47 0.39 -3.39
C THR C 108 19.76 0.18 -4.87
N VAL C 109 19.31 1.11 -5.70
CA VAL C 109 19.66 1.14 -7.12
C VAL C 109 20.93 1.98 -7.29
N LEU C 110 21.94 1.41 -7.96
CA LEU C 110 23.27 2.00 -8.08
C LEU C 110 23.37 2.92 -9.30
N GLY C 111 24.56 3.51 -9.47
CA GLY C 111 24.82 4.36 -10.62
C GLY C 111 24.05 5.66 -10.63
N GLN C 112 23.53 6.07 -9.50
CA GLN C 112 22.69 7.25 -9.48
C GLN C 112 23.57 8.51 -9.52
N PRO C 113 23.12 9.53 -10.24
CA PRO C 113 23.93 10.74 -10.42
C PRO C 113 24.15 11.47 -9.10
N LYS C 114 25.42 11.83 -8.85
CA LYS C 114 25.76 12.71 -7.74
C LYS C 114 25.14 14.08 -7.95
N ALA C 115 24.39 14.54 -6.95
CA ALA C 115 23.74 15.83 -7.01
C ALA C 115 24.06 16.60 -5.74
N ASN C 116 24.44 17.84 -5.90
CA ASN C 116 24.84 18.68 -4.80
C ASN C 116 23.63 19.49 -4.31
N PRO C 117 23.58 19.90 -3.03
CA PRO C 117 22.31 20.37 -2.47
C PRO C 117 21.96 21.79 -2.86
N THR C 118 20.65 22.05 -2.95
CA THR C 118 20.15 23.42 -2.91
C THR C 118 19.83 23.80 -1.46
N VAL C 119 20.17 25.03 -1.08
CA VAL C 119 20.03 25.51 0.29
C VAL C 119 19.20 26.78 0.32
N THR C 120 18.15 26.80 1.15
CA THR C 120 17.31 27.97 1.38
C THR C 120 17.44 28.36 2.85
N LEU C 121 17.82 29.60 3.13
CA LEU C 121 17.95 30.08 4.51
C LEU C 121 16.97 31.22 4.76
N PHE C 122 16.15 31.08 5.83
CA PHE C 122 15.18 32.07 6.23
C PHE C 122 15.59 32.73 7.56
N PRO C 123 15.39 34.05 7.69
CA PRO C 123 15.67 34.74 8.96
C PRO C 123 14.50 34.52 9.93
N PRO C 124 14.57 35.02 11.18
CA PRO C 124 13.37 34.96 12.03
C PRO C 124 12.26 35.81 11.44
N SER C 125 11.01 35.41 11.72
CA SER C 125 9.90 36.26 11.37
C SER C 125 9.74 37.35 12.42
N SER C 126 9.16 38.47 11.99
CA SER C 126 8.82 39.55 12.91
C SER C 126 7.83 39.07 13.96
N GLU C 127 6.92 38.15 13.59
CA GLU C 127 6.00 37.55 14.54
C GLU C 127 6.70 36.72 15.60
N GLU C 128 7.80 36.06 15.25
CA GLU C 128 8.49 35.27 16.25
C GLU C 128 9.35 36.14 17.16
N LEU C 129 10.00 37.17 16.59
CA LEU C 129 10.84 38.07 17.37
C LEU C 129 10.01 38.81 18.40
N GLN C 130 8.85 39.28 18.00
CA GLN C 130 7.96 40.01 18.86
C GLN C 130 7.16 39.11 19.85
N ALA C 131 7.62 37.86 20.01
CA ALA C 131 7.31 36.97 21.11
C ALA C 131 8.60 36.47 21.76
N ASN C 132 9.69 37.22 21.62
CA ASN C 132 10.97 37.03 22.32
C ASN C 132 11.69 35.74 21.93
N LYS C 133 11.42 35.23 20.74
CA LYS C 133 12.11 34.04 20.24
C LYS C 133 12.70 34.30 18.86
N ALA C 134 13.74 33.54 18.52
CA ALA C 134 14.38 33.67 17.21
C ALA C 134 14.91 32.32 16.76
N THR C 135 14.46 31.89 15.57
CA THR C 135 14.92 30.66 14.92
C THR C 135 15.36 30.95 13.49
N LEU C 136 16.58 30.55 13.15
CA LEU C 136 16.98 30.48 11.74
C LEU C 136 16.68 29.09 11.19
N VAL C 137 16.02 29.04 10.04
CA VAL C 137 15.65 27.77 9.40
C VAL C 137 16.51 27.58 8.16
N CYS C 138 17.36 26.56 8.16
CA CYS C 138 18.14 26.18 6.99
C CYS C 138 17.59 24.89 6.37
N LEU C 139 17.06 24.98 5.15
CA LEU C 139 16.49 23.83 4.45
C LEU C 139 17.35 23.39 3.29
N ILE C 140 17.59 22.09 3.20
CA ILE C 140 18.62 21.48 2.37
C ILE C 140 17.96 20.42 1.51
N SER C 141 17.90 20.63 0.21
CA SER C 141 17.14 19.68 -0.59
C SER C 141 17.94 19.14 -1.77
N ASP C 142 17.43 18.02 -2.31
CA ASP C 142 17.72 17.54 -3.67
C ASP C 142 19.15 17.08 -3.85
N PHE C 143 19.78 16.57 -2.79
CA PHE C 143 21.17 16.16 -2.85
C PHE C 143 21.31 14.65 -2.89
N TYR C 144 22.36 14.19 -3.56
CA TYR C 144 22.64 12.76 -3.67
C TYR C 144 24.16 12.61 -3.77
N PRO C 145 24.79 11.73 -2.96
CA PRO C 145 24.21 10.81 -1.98
C PRO C 145 23.79 11.50 -0.67
N GLY C 146 23.16 10.76 0.25
CA GLY C 146 22.55 11.35 1.43
C GLY C 146 23.43 11.55 2.65
N ALA C 147 24.46 12.38 2.52
CA ALA C 147 25.34 12.67 3.65
C ALA C 147 25.83 14.09 3.50
N VAL C 148 25.41 14.96 4.41
CA VAL C 148 25.87 16.34 4.46
C VAL C 148 26.33 16.61 5.87
N THR C 149 27.13 17.66 6.02
CA THR C 149 27.37 18.27 7.32
C THR C 149 27.00 19.74 7.23
N VAL C 150 26.43 20.25 8.31
CA VAL C 150 25.95 21.63 8.40
C VAL C 150 26.75 22.34 9.49
N ALA C 151 27.27 23.53 9.18
CA ALA C 151 27.94 24.38 10.14
C ALA C 151 27.34 25.79 10.13
N TRP C 152 27.03 26.32 11.32
CA TRP C 152 26.49 27.67 11.43
C TRP C 152 27.61 28.65 11.79
N LYS C 153 27.45 29.90 11.33
CA LYS C 153 28.40 30.97 11.60
C LYS C 153 27.69 32.20 12.13
N ALA C 154 28.31 32.86 13.11
CA ALA C 154 27.92 34.19 13.58
C ALA C 154 29.04 35.15 13.26
N ASP C 155 28.82 36.03 12.27
CA ASP C 155 29.77 37.09 11.87
C ASP C 155 31.12 36.50 11.45
N GLY C 156 31.09 35.36 10.76
CA GLY C 156 32.29 34.71 10.31
C GLY C 156 32.87 33.68 11.27
N SER C 157 32.49 33.70 12.55
CA SER C 157 32.87 32.84 13.67
C SER C 157 31.82 31.75 13.92
N PRO C 158 32.23 30.51 14.26
CA PRO C 158 31.28 29.39 14.29
C PRO C 158 30.36 29.39 15.50
N VAL C 159 29.11 28.92 15.29
CA VAL C 159 28.11 28.83 16.35
C VAL C 159 27.99 27.39 16.82
N LYS C 160 28.11 27.19 18.13
CA LYS C 160 28.26 25.90 18.77
C LYS C 160 26.93 25.33 19.25
N ALA C 161 26.15 26.12 19.98
CA ALA C 161 24.99 25.63 20.68
C ALA C 161 23.73 26.30 20.15
N GLY C 162 22.61 25.63 20.38
CA GLY C 162 21.33 26.03 19.82
C GLY C 162 21.12 25.56 18.39
N VAL C 163 21.90 24.56 17.93
CA VAL C 163 21.81 24.01 16.59
C VAL C 163 21.13 22.64 16.68
N GLU C 164 20.07 22.45 15.90
CA GLU C 164 19.42 21.15 15.72
C GLU C 164 19.41 20.82 14.24
N THR C 165 20.03 19.68 13.86
CA THR C 165 20.13 19.25 12.46
C THR C 165 19.50 17.86 12.29
N THR C 166 18.58 17.73 11.34
CA THR C 166 17.95 16.43 11.06
C THR C 166 18.96 15.44 10.47
N LYS C 167 18.57 14.18 10.49
CA LYS C 167 19.34 13.21 9.71
C LYS C 167 18.75 13.18 8.29
N PRO C 168 19.59 13.09 7.23
CA PRO C 168 19.06 12.99 5.86
C PRO C 168 18.08 11.85 5.66
N SER C 169 16.99 12.17 4.98
CA SER C 169 15.89 11.27 4.71
C SER C 169 15.57 11.27 3.22
N LYS C 170 15.08 10.14 2.74
CA LYS C 170 14.84 9.94 1.33
C LYS C 170 13.59 10.71 0.87
N GLN C 171 13.73 11.50 -0.20
CA GLN C 171 12.58 12.10 -0.88
C GLN C 171 11.94 11.08 -1.83
N SER C 172 10.96 11.52 -2.58
CA SER C 172 10.31 10.62 -3.52
C SER C 172 11.14 10.39 -4.78
N ASN C 173 11.95 11.38 -5.19
CA ASN C 173 12.81 11.25 -6.37
C ASN C 173 14.17 10.62 -6.07
N ASN C 174 14.27 9.86 -4.98
CA ASN C 174 15.45 9.13 -4.51
C ASN C 174 16.66 9.99 -4.14
N LYS C 175 16.54 11.31 -4.24
CA LYS C 175 17.53 12.19 -3.66
C LYS C 175 17.04 12.57 -2.26
N TYR C 176 17.86 13.32 -1.52
CA TYR C 176 17.66 13.40 -0.08
C TYR C 176 17.36 14.82 0.36
N ALA C 177 16.76 14.93 1.55
CA ALA C 177 16.46 16.22 2.16
C ALA C 177 16.96 16.23 3.60
N ALA C 178 17.30 17.43 4.08
CA ALA C 178 17.73 17.62 5.46
C ALA C 178 17.37 19.05 5.86
N SER C 179 17.39 19.31 7.17
CA SER C 179 17.14 20.68 7.62
C SER C 179 17.87 20.92 8.94
N SER C 180 18.17 22.20 9.19
CA SER C 180 18.89 22.61 10.39
C SER C 180 18.29 23.89 10.95
N TYR C 181 18.21 23.97 12.28
CA TYR C 181 17.57 25.05 13.01
C TYR C 181 18.56 25.65 14.00
N LEU C 182 18.74 26.97 13.94
CA LEU C 182 19.57 27.69 14.90
C LEU C 182 18.65 28.54 15.75
N SER C 183 18.65 28.26 17.06
CA SER C 183 17.88 29.04 18.03
C SER C 183 18.74 30.16 18.62
N LEU C 184 18.19 31.37 18.64
CA LEU C 184 18.87 32.55 19.15
C LEU C 184 17.92 33.34 20.04
N THR C 185 18.49 34.15 20.92
CA THR C 185 17.70 35.21 21.54
C THR C 185 17.46 36.31 20.51
N PRO C 186 16.45 37.16 20.71
CA PRO C 186 16.28 38.31 19.80
C PRO C 186 17.46 39.27 19.79
N GLU C 187 18.20 39.40 20.90
CA GLU C 187 19.37 40.29 20.92
C GLU C 187 20.48 39.77 20.02
N GLN C 188 20.73 38.45 20.11
CA GLN C 188 21.78 37.80 19.32
C GLN C 188 21.56 37.99 17.83
N TRP C 189 20.29 37.95 17.41
CA TRP C 189 19.97 38.19 16.01
C TRP C 189 20.33 39.62 15.61
N LYS C 190 20.01 40.62 16.44
CA LYS C 190 20.30 41.99 16.02
C LYS C 190 21.74 42.41 16.33
N SER C 191 22.41 41.78 17.30
CA SER C 191 23.74 42.20 17.71
C SER C 191 24.84 41.65 16.80
N HIS C 192 24.47 41.02 15.69
CA HIS C 192 25.45 40.52 14.75
C HIS C 192 25.10 41.07 13.38
N ARG C 193 26.13 41.20 12.53
CA ARG C 193 25.93 41.75 11.20
C ARG C 193 25.28 40.75 10.26
N SER C 194 25.55 39.45 10.44
CA SER C 194 24.95 38.40 9.63
C SER C 194 25.18 37.05 10.30
N TYR C 195 24.38 36.07 9.87
CA TYR C 195 24.51 34.68 10.26
C TYR C 195 24.50 33.81 9.01
N SER C 196 25.21 32.69 9.07
CA SER C 196 25.33 31.86 7.88
C SER C 196 25.07 30.39 8.17
N CYS C 197 24.38 29.74 7.23
CA CYS C 197 24.28 28.28 7.15
C CYS C 197 25.27 27.82 6.08
N GLN C 198 26.09 26.83 6.42
CA GLN C 198 27.16 26.34 5.53
C GLN C 198 27.03 24.83 5.38
N VAL C 199 26.70 24.37 4.18
CA VAL C 199 26.41 22.95 3.93
C VAL C 199 27.51 22.34 3.07
N THR C 200 28.17 21.30 3.59
CA THR C 200 29.28 20.63 2.92
C THR C 200 28.86 19.25 2.42
N HIS C 201 29.03 19.01 1.11
CA HIS C 201 28.56 17.77 0.48
C HIS C 201 29.54 17.35 -0.61
N GLU C 202 30.18 16.20 -0.37
CA GLU C 202 31.17 15.59 -1.27
C GLU C 202 32.30 16.56 -1.59
N GLY C 203 32.86 17.15 -0.53
CA GLY C 203 33.96 18.07 -0.68
C GLY C 203 33.57 19.50 -0.99
N SER C 204 32.45 19.69 -1.69
CA SER C 204 32.02 21.05 -2.02
C SER C 204 31.05 21.60 -0.96
N THR C 205 30.84 22.91 -1.02
CA THR C 205 30.21 23.67 0.05
C THR C 205 29.26 24.70 -0.54
N VAL C 206 28.05 24.80 0.01
CA VAL C 206 27.08 25.82 -0.35
C VAL C 206 26.76 26.61 0.92
N GLU C 207 26.96 27.91 0.88
CA GLU C 207 26.80 28.75 2.06
C GLU C 207 25.77 29.84 1.78
N LYS C 208 24.81 30.02 2.68
CA LYS C 208 23.81 31.06 2.58
C LYS C 208 23.95 32.00 3.78
N THR C 209 23.54 33.25 3.61
CA THR C 209 23.73 34.26 4.65
C THR C 209 22.46 35.09 4.75
N VAL C 210 22.06 35.42 5.98
CA VAL C 210 20.94 36.32 6.26
C VAL C 210 21.37 37.34 7.30
N ALA C 211 20.75 38.52 7.25
CA ALA C 211 21.14 39.68 8.04
C ALA C 211 19.88 40.39 8.55
N PRO C 212 19.99 41.14 9.65
CA PRO C 212 18.82 41.90 10.13
C PRO C 212 18.40 43.02 9.18
N THR C 213 17.10 43.34 9.25
CA THR C 213 16.43 44.13 8.22
C THR C 213 15.42 45.11 8.82
C1 NAG D . -13.14 -41.17 -7.26
C2 NAG D . -13.65 -41.42 -5.81
C3 NAG D . -15.04 -42.03 -5.83
C4 NAG D . -15.97 -41.20 -6.70
C5 NAG D . -15.52 -41.34 -8.15
C6 NAG D . -15.67 -40.06 -8.96
C7 NAG D . -11.57 -41.89 -4.55
C8 NAG D . -10.77 -42.95 -3.85
N2 NAG D . -12.73 -42.29 -5.09
O3 NAG D . -15.55 -42.11 -4.50
O4 NAG D . -17.30 -41.67 -6.57
O5 NAG D . -14.14 -41.74 -8.25
O6 NAG D . -16.86 -40.05 -9.73
O7 NAG D . -11.18 -40.73 -4.63
C1 NAG E . -14.08 -35.13 -19.35
C2 NAG E . -14.76 -35.62 -18.05
C3 NAG E . -13.79 -36.49 -17.23
C4 NAG E . -13.25 -37.63 -18.09
C5 NAG E . -12.57 -37.06 -19.32
C6 NAG E . -12.06 -38.12 -20.28
C7 NAG E . -16.45 -34.47 -16.66
C8 NAG E . -16.75 -33.25 -15.85
N2 NAG E . -15.23 -34.50 -17.24
O3 NAG E . -14.42 -36.99 -16.06
O4 NAG E . -12.34 -38.44 -17.35
O5 NAG E . -13.51 -36.26 -20.06
O6 NAG E . -12.33 -37.81 -21.63
O7 NAG E . -17.26 -35.38 -16.79
C1 NAG F . -34.73 -37.43 -10.35
C2 NAG F . -35.52 -36.15 -10.00
C3 NAG F . -36.86 -36.50 -9.34
C4 NAG F . -37.64 -37.49 -10.22
C5 NAG F . -36.78 -38.72 -10.53
C6 NAG F . -37.46 -39.68 -11.47
C7 NAG F . -34.26 -35.35 -7.97
C8 NAG F . -33.55 -34.15 -7.39
N2 NAG F . -34.77 -35.18 -9.21
O3 NAG F . -37.62 -35.31 -9.12
O4 NAG F . -38.82 -37.89 -9.54
O5 NAG F . -35.55 -38.31 -11.15
O6 NAG F . -38.42 -39.04 -12.28
O7 NAG F . -34.33 -36.41 -7.36
#